data_6DHC
#
_entry.id   6DHC
#
_cell.length_a   81.987
_cell.length_b   103.322
_cell.length_c   100.959
_cell.angle_alpha   90.00
_cell.angle_beta   102.98
_cell.angle_gamma   90.00
#
_symmetry.space_group_name_H-M   'P 1 21 1'
#
loop_
_entity.id
_entity.type
_entity.pdbx_description
1 polymer 'Beta-secretase 1'
2 non-polymer (3R,3aR,6aS)-N-[(4R,7S,8S,10R,13S)-8-hydroxy-10,17-dimethyl-7-(2-methylpropyl)-5,11,14-trioxo-13-(propan-2-yl)-2-thia-6,12,15-triazaoctadecan-4-yl]hexahydrofuro[3,2-d][1,2]oxazole-3-carboxamide
3 non-polymer GLYCEROL
4 non-polymer UREA
5 non-polymer 'SULFATE ION'
6 water water
#
_entity_poly.entity_id   1
_entity_poly.type   'polypeptide(L)'
_entity_poly.pdbx_seq_one_letter_code
;AGVLPAHGTQHGIRLPLRSGLGGAPLGLRLPRETDEEPEEPGRRGSFVEMVDNLRGKSGQGYYVEMTVGSPPQTLNILVD
TGSSNFAVGAAPHPFLHRYYQRQLSSTYRDLRKGVYVPYTQGKWEGELGTDLVSIPHGPNVTVRANIAAITESDKFFING
SNWEGILGLAYAEIARPDDSLEPFFDSLVKQTHVPNLFSLQLCGAGFPLNQSEVLASVGGSMIIGGIDHSLYTGSLWYTP
IRREWYYEVIIVRVEINGQDLKMDCKEYNYDKSIVDSGTTNLRLPKKVFEAAVKSIKAASSTEKFPDGFWLGEQLVCWQA
GTTPWNIFPVISLYLMGEVTNQSFRITILPQQYLRPVEDVATSQDDCYKFAISQSSTGTVMGAVIMEGFYVVFDRARKRI
GFAVSACHVHDEFRTAAVEGPFVTLDMEDCGYNIPQTDEST
;
_entity_poly.pdbx_strand_id   A,B,C
#
loop_
_chem_comp.id
_chem_comp.type
_chem_comp.name
_chem_comp.formula
GHJ non-polymer (3R,3aR,6aS)-N-[(4R,7S,8S,10R,13S)-8-hydroxy-10,17-dimethyl-7-(2-methylpropyl)-5,11,14-trioxo-13-(propan-2-yl)-2-thia-6,12,15-triazaoctadecan-4-yl]hexahydrofuro[3,2-d][1,2]oxazole-3-carboxamide 'C29 H53 N5 O7 S'
GOL non-polymer GLYCEROL 'C3 H8 O3'
SO4 non-polymer 'SULFATE ION' 'O4 S -2'
URE non-polymer UREA 'C H4 N2 O'
#
# COMPACT_ATOMS: atom_id res chain seq x y z
N GLY A 45 -23.84 54.06 7.62
CA GLY A 45 -23.06 54.03 6.40
C GLY A 45 -21.64 53.53 6.65
N SER A 46 -20.75 53.73 5.68
CA SER A 46 -21.04 54.42 4.42
C SER A 46 -19.89 54.12 3.46
N PHE A 47 -20.17 54.09 2.16
CA PHE A 47 -19.17 53.61 1.22
C PHE A 47 -17.88 54.41 1.32
N VAL A 48 -17.98 55.74 1.44
CA VAL A 48 -16.76 56.55 1.57
C VAL A 48 -15.94 56.07 2.75
N GLU A 49 -16.59 55.57 3.80
CA GLU A 49 -15.88 55.12 4.98
C GLU A 49 -15.08 53.85 4.72
N MET A 50 -15.56 52.99 3.82
CA MET A 50 -14.87 51.76 3.49
C MET A 50 -13.77 51.93 2.46
N VAL A 51 -13.73 53.06 1.75
CA VAL A 51 -12.70 53.26 0.75
C VAL A 51 -11.34 53.29 1.44
N ASP A 52 -10.36 52.66 0.80
CA ASP A 52 -8.99 52.64 1.30
C ASP A 52 -8.87 51.88 2.63
N ASN A 53 -9.76 50.93 2.88
CA ASN A 53 -9.70 50.20 4.14
C ASN A 53 -8.88 48.91 4.06
N LEU A 54 -8.27 48.62 2.91
CA LEU A 54 -7.37 47.48 2.77
C LEU A 54 -5.94 47.98 2.76
N ARG A 55 -5.03 47.14 3.26
CA ARG A 55 -3.60 47.42 3.23
C ARG A 55 -2.86 46.14 2.85
N GLY A 56 -1.61 46.29 2.47
CA GLY A 56 -0.85 45.10 2.13
C GLY A 56 0.62 45.39 1.95
N LYS A 57 1.38 44.30 1.80
CA LYS A 57 2.75 44.31 1.32
C LYS A 57 2.80 43.57 -0.01
N SER A 58 3.60 44.06 -0.95
CA SER A 58 3.60 43.50 -2.30
C SER A 58 3.81 41.99 -2.28
N GLY A 59 2.92 41.27 -2.97
CA GLY A 59 2.96 39.81 -2.97
C GLY A 59 2.63 39.16 -1.65
N GLN A 60 2.13 39.92 -0.67
CA GLN A 60 1.84 39.40 0.66
C GLN A 60 0.37 39.47 1.02
N GLY A 61 -0.51 39.70 0.06
CA GLY A 61 -1.93 39.70 0.31
C GLY A 61 -2.44 41.00 0.91
N TYR A 62 -3.75 41.20 0.77
CA TYR A 62 -4.45 42.35 1.31
C TYR A 62 -5.23 41.96 2.55
N TYR A 63 -5.16 42.81 3.58
CA TYR A 63 -5.90 42.59 4.80
C TYR A 63 -6.79 43.78 5.10
N VAL A 64 -7.80 43.52 5.93
CA VAL A 64 -8.69 44.53 6.45
C VAL A 64 -8.69 44.39 7.98
N GLU A 65 -9.06 45.47 8.65
CA GLU A 65 -9.12 45.48 10.11
C GLU A 65 -10.47 44.97 10.57
N MET A 66 -10.45 44.04 11.53
CA MET A 66 -11.66 43.52 12.15
C MET A 66 -11.43 43.49 13.65
N THR A 67 -12.51 43.34 14.40
CA THR A 67 -12.44 43.12 15.84
C THR A 67 -13.24 41.88 16.19
N VAL A 68 -12.74 41.11 17.15
CA VAL A 68 -13.39 39.88 17.60
C VAL A 68 -13.52 39.90 19.11
N GLY A 69 -14.68 39.47 19.60
CA GLY A 69 -14.89 39.31 21.03
C GLY A 69 -15.17 40.61 21.75
N SER A 70 -15.50 40.46 23.04
CA SER A 70 -15.75 41.59 23.94
C SER A 70 -14.94 41.44 25.23
N PRO A 71 -14.10 42.44 25.54
CA PRO A 71 -13.93 43.66 24.73
C PRO A 71 -13.31 43.36 23.37
N PRO A 72 -13.46 44.29 22.43
CA PRO A 72 -13.02 44.04 21.05
C PRO A 72 -11.51 43.96 20.91
N GLN A 73 -11.04 42.89 20.27
CA GLN A 73 -9.63 42.72 19.91
C GLN A 73 -9.49 42.99 18.41
N THR A 74 -8.63 43.93 18.05
CA THR A 74 -8.46 44.29 16.64
C THR A 74 -7.36 43.44 16.04
N LEU A 75 -7.62 42.90 14.86
CA LEU A 75 -6.68 42.06 14.15
C LEU A 75 -6.74 42.43 12.67
N ASN A 76 -5.67 42.11 11.97
CA ASN A 76 -5.61 42.32 10.51
C ASN A 76 -5.91 40.99 9.84
N ILE A 77 -7.02 40.93 9.10
CA ILE A 77 -7.51 39.70 8.50
C ILE A 77 -7.32 39.79 6.99
N LEU A 78 -6.64 38.79 6.43
CA LEU A 78 -6.45 38.72 4.98
C LEU A 78 -7.79 38.46 4.29
N VAL A 79 -8.16 39.32 3.34
CA VAL A 79 -9.35 39.10 2.55
C VAL A 79 -9.01 38.09 1.46
N ASP A 80 -9.69 36.93 1.49
CA ASP A 80 -9.38 35.79 0.64
C ASP A 80 -10.68 35.29 0.02
N THR A 81 -10.81 35.43 -1.29
CA THR A 81 -12.00 34.95 -1.99
C THR A 81 -11.86 33.51 -2.50
N GLY A 82 -10.72 32.88 -2.27
CA GLY A 82 -10.50 31.50 -2.65
C GLY A 82 -10.76 30.51 -1.53
N SER A 83 -11.30 30.96 -0.41
CA SER A 83 -11.54 30.10 0.73
C SER A 83 -12.85 30.52 1.39
N SER A 84 -13.38 29.64 2.24
CA SER A 84 -14.66 29.89 2.90
C SER A 84 -14.56 29.92 4.42
N ASN A 85 -13.37 29.97 5.00
CA ASN A 85 -13.21 29.86 6.45
C ASN A 85 -12.68 31.15 7.04
N PHE A 86 -13.38 31.67 8.04
CA PHE A 86 -12.87 32.77 8.86
C PHE A 86 -11.98 32.19 9.95
N ALA A 87 -10.69 32.55 9.95
CA ALA A 87 -9.77 32.03 10.94
C ALA A 87 -8.76 33.08 11.34
N VAL A 88 -8.29 32.99 12.57
CA VAL A 88 -7.29 33.89 13.12
C VAL A 88 -6.33 33.07 13.95
N GLY A 89 -5.08 33.53 14.03
CA GLY A 89 -4.13 32.94 14.95
C GLY A 89 -4.55 33.16 16.39
N ALA A 90 -4.74 32.08 17.14
CA ALA A 90 -5.09 32.19 18.55
C ALA A 90 -3.93 31.83 19.48
N ALA A 91 -2.76 31.54 18.93
CA ALA A 91 -1.59 31.12 19.68
C ALA A 91 -0.40 31.97 19.30
N PRO A 92 0.62 32.01 20.15
CA PRO A 92 1.84 32.76 19.79
C PRO A 92 2.52 32.15 18.57
N HIS A 93 3.23 33.01 17.85
CA HIS A 93 3.92 32.58 16.64
C HIS A 93 5.04 33.57 16.36
N PRO A 94 6.17 33.12 15.81
CA PRO A 94 7.24 34.07 15.49
C PRO A 94 6.83 35.13 14.48
N PHE A 95 5.89 34.82 13.61
CA PHE A 95 5.47 35.72 12.55
C PHE A 95 4.25 36.58 12.92
N LEU A 96 3.71 36.41 14.12
CA LEU A 96 2.52 37.14 14.54
C LEU A 96 2.91 38.13 15.63
N HIS A 97 2.40 39.36 15.51
CA HIS A 97 2.52 40.35 16.58
C HIS A 97 1.23 40.47 17.37
N ARG A 98 0.19 39.74 16.97
CA ARG A 98 -1.07 39.72 17.71
C ARG A 98 -1.69 38.34 17.50
N TYR A 99 -2.67 38.02 18.35
CA TYR A 99 -3.43 36.81 18.17
C TYR A 99 -4.71 36.91 18.98
N TYR A 100 -5.60 35.95 18.74
CA TYR A 100 -6.92 35.93 19.34
C TYR A 100 -6.87 35.18 20.66
N GLN A 101 -7.20 35.87 21.75
CA GLN A 101 -7.22 35.28 23.08
C GLN A 101 -8.68 35.10 23.46
N ARG A 102 -9.19 33.88 23.23
CA ARG A 102 -10.58 33.59 23.55
C ARG A 102 -10.87 33.78 25.04
N GLN A 103 -9.84 33.60 25.87
CA GLN A 103 -9.95 33.79 27.30
C GLN A 103 -10.32 35.22 27.68
N LEU A 104 -10.12 36.17 26.77
CA LEU A 104 -10.36 37.58 27.04
C LEU A 104 -11.63 38.08 26.37
N SER A 105 -12.54 37.20 25.97
CA SER A 105 -13.77 37.58 25.31
C SER A 105 -14.95 37.00 26.08
N SER A 106 -15.73 37.87 26.72
CA SER A 106 -16.93 37.41 27.40
C SER A 106 -17.90 36.72 26.45
N THR A 107 -17.74 36.93 25.14
CA THR A 107 -18.68 36.45 24.15
C THR A 107 -18.24 35.17 23.45
N TYR A 108 -17.01 34.71 23.66
CA TYR A 108 -16.55 33.52 22.97
C TYR A 108 -17.36 32.30 23.39
N ARG A 109 -17.86 31.56 22.40
CA ARG A 109 -18.45 30.24 22.62
C ARG A 109 -17.61 29.21 21.88
N ASP A 110 -17.58 27.99 22.40
CA ASP A 110 -16.82 26.91 21.79
C ASP A 110 -17.75 25.91 21.13
N LEU A 111 -17.41 25.49 19.92
CA LEU A 111 -18.15 24.46 19.21
C LEU A 111 -17.63 23.06 19.52
N ARG A 112 -16.67 22.96 20.44
CA ARG A 112 -16.11 21.68 20.83
C ARG A 112 -15.75 20.85 19.60
N LYS A 113 -15.34 21.52 18.52
CA LYS A 113 -14.93 20.89 17.27
C LYS A 113 -13.54 21.38 16.90
N GLY A 114 -12.84 20.57 16.10
CA GLY A 114 -11.57 21.00 15.56
C GLY A 114 -11.66 21.05 14.05
N VAL A 115 -10.80 21.82 13.40
CA VAL A 115 -10.84 21.94 11.95
C VAL A 115 -9.42 21.99 11.41
N TYR A 116 -9.26 21.54 10.18
CA TYR A 116 -8.02 21.61 9.45
C TYR A 116 -8.33 22.12 8.06
N VAL A 117 -7.62 23.16 7.64
CA VAL A 117 -7.86 23.80 6.34
C VAL A 117 -6.56 23.71 5.56
N PRO A 118 -6.55 23.07 4.40
CA PRO A 118 -5.40 23.14 3.50
C PRO A 118 -5.60 24.21 2.43
N TYR A 119 -4.52 24.87 2.04
CA TYR A 119 -4.56 25.80 0.93
C TYR A 119 -3.61 25.32 -0.14
N THR A 120 -3.65 25.97 -1.30
CA THR A 120 -2.72 25.60 -2.35
C THR A 120 -1.31 25.55 -1.80
N GLN A 121 -1.00 26.46 -0.89
CA GLN A 121 0.26 26.43 -0.16
C GLN A 121 -0.01 26.93 1.26
N GLY A 122 0.37 26.14 2.24
CA GLY A 122 0.10 26.49 3.62
C GLY A 122 -1.14 25.78 4.14
N LYS A 123 -1.15 25.52 5.44
CA LYS A 123 -2.27 24.84 6.06
C LYS A 123 -2.26 25.14 7.55
N TRP A 124 -3.39 24.90 8.19
CA TRP A 124 -3.50 25.16 9.62
C TRP A 124 -4.65 24.36 10.19
N GLU A 125 -4.59 24.16 11.52
CA GLU A 125 -5.66 23.53 12.28
C GLU A 125 -5.90 24.35 13.54
N GLY A 126 -7.13 24.29 14.03
CA GLY A 126 -7.48 25.06 15.19
C GLY A 126 -8.80 24.62 15.78
N GLU A 127 -9.35 25.46 16.65
CA GLU A 127 -10.56 25.14 17.37
C GLU A 127 -11.69 26.03 16.87
N LEU A 128 -12.80 25.41 16.49
CA LEU A 128 -13.98 26.16 16.08
C LEU A 128 -14.70 26.75 17.29
N GLY A 129 -15.01 28.04 17.20
CA GLY A 129 -15.84 28.71 18.16
C GLY A 129 -16.70 29.71 17.41
N THR A 130 -17.43 30.54 18.16
CA THR A 130 -18.20 31.62 17.58
C THR A 130 -18.12 32.81 18.53
N ASP A 131 -17.82 33.98 17.98
CA ASP A 131 -17.70 35.19 18.78
C ASP A 131 -18.34 36.33 18.00
N LEU A 132 -18.32 37.51 18.60
CA LEU A 132 -18.82 38.71 17.95
C LEU A 132 -17.71 39.35 17.12
N VAL A 133 -18.07 39.84 15.95
CA VAL A 133 -17.12 40.37 14.97
C VAL A 133 -17.65 41.68 14.40
N SER A 134 -16.75 42.63 14.21
CA SER A 134 -17.10 43.89 13.57
C SER A 134 -15.98 44.30 12.64
N ILE A 135 -16.34 45.08 11.63
CA ILE A 135 -15.34 45.67 10.72
C ILE A 135 -15.28 47.17 10.98
N PRO A 136 -14.25 47.66 11.68
CA PRO A 136 -14.13 49.10 11.90
C PRO A 136 -14.50 49.95 10.69
N HIS A 137 -13.79 49.78 9.60
CA HIS A 137 -14.02 50.56 8.38
C HIS A 137 -14.84 49.77 7.37
N GLY A 138 -15.97 49.25 7.84
CA GLY A 138 -16.97 48.62 7.01
C GLY A 138 -18.34 48.97 7.58
N PRO A 139 -19.36 48.23 7.18
CA PRO A 139 -20.71 48.53 7.67
C PRO A 139 -20.76 48.58 9.20
N ASN A 140 -21.72 49.34 9.71
CA ASN A 140 -21.81 49.63 11.14
C ASN A 140 -22.66 48.56 11.82
N VAL A 141 -22.08 47.37 11.94
CA VAL A 141 -22.78 46.21 12.49
C VAL A 141 -21.80 45.32 13.24
N THR A 142 -22.36 44.45 14.07
CA THR A 142 -21.66 43.37 14.74
C THR A 142 -22.48 42.10 14.55
N VAL A 143 -21.80 40.98 14.34
CA VAL A 143 -22.49 39.71 14.09
C VAL A 143 -21.75 38.58 14.80
N ARG A 144 -22.52 37.57 15.19
CA ARG A 144 -21.93 36.34 15.71
C ARG A 144 -21.50 35.48 14.52
N ALA A 145 -20.20 35.23 14.42
CA ALA A 145 -19.65 34.52 13.29
C ALA A 145 -18.82 33.33 13.75
N ASN A 146 -18.91 32.23 13.03
CA ASN A 146 -17.97 31.14 13.23
C ASN A 146 -16.55 31.68 13.14
N ILE A 147 -15.69 31.19 14.02
CA ILE A 147 -14.29 31.59 14.00
C ILE A 147 -13.45 30.37 14.36
N ALA A 148 -12.43 30.10 13.55
CA ALA A 148 -11.46 29.06 13.82
C ALA A 148 -10.27 29.71 14.51
N ALA A 149 -9.91 29.21 15.70
CA ALA A 149 -8.75 29.69 16.40
C ALA A 149 -7.56 28.84 15.97
N ILE A 150 -6.59 29.46 15.32
CA ILE A 150 -5.48 28.71 14.74
C ILE A 150 -4.48 28.36 15.84
N THR A 151 -4.34 27.06 16.09
CA THR A 151 -3.42 26.57 17.12
C THR A 151 -2.10 26.08 16.55
N GLU A 152 -2.10 25.64 15.29
CA GLU A 152 -0.89 25.11 14.65
C GLU A 152 -1.02 25.32 13.15
N SER A 153 0.06 25.74 12.51
CA SER A 153 0.03 26.11 11.11
C SER A 153 1.39 25.84 10.48
N ASP A 154 1.37 25.49 9.20
CA ASP A 154 2.59 25.28 8.44
C ASP A 154 2.49 26.04 7.13
N LYS A 155 3.46 26.93 6.89
CA LYS A 155 3.56 27.66 5.63
C LYS A 155 2.33 28.52 5.36
N PHE A 156 1.67 29.01 6.42
CA PHE A 156 0.47 29.81 6.26
C PHE A 156 0.76 31.27 6.55
N PHE A 157 1.11 31.58 7.79
CA PHE A 157 1.50 32.92 8.15
C PHE A 157 2.80 33.31 7.45
N ILE A 158 2.95 34.61 7.21
CA ILE A 158 4.05 35.16 6.44
C ILE A 158 4.93 35.99 7.36
N ASN A 159 6.24 35.87 7.17
CA ASN A 159 7.19 36.65 7.93
C ASN A 159 7.07 38.11 7.54
N GLY A 160 6.68 38.96 8.50
CA GLY A 160 6.55 40.37 8.25
C GLY A 160 5.24 40.81 7.64
N SER A 161 4.36 39.87 7.27
CA SER A 161 3.02 40.25 6.86
C SER A 161 2.27 40.82 8.06
N ASN A 162 1.52 41.88 7.82
CA ASN A 162 0.81 42.54 8.90
C ASN A 162 -0.57 41.96 9.15
N TRP A 163 -0.85 40.76 8.65
CA TRP A 163 -2.14 40.12 8.87
C TRP A 163 -2.00 38.88 9.71
N GLU A 164 -2.91 38.71 10.67
CA GLU A 164 -2.89 37.60 11.61
C GLU A 164 -4.10 36.70 11.45
N GLY A 165 -4.85 36.83 10.37
CA GLY A 165 -6.03 36.01 10.15
C GLY A 165 -6.48 36.11 8.72
N ILE A 166 -7.41 35.23 8.37
CA ILE A 166 -7.89 35.10 7.00
C ILE A 166 -9.41 35.13 7.03
N LEU A 167 -10.00 35.74 6.01
CA LEU A 167 -11.46 35.84 5.88
C LEU A 167 -11.85 35.22 4.55
N GLY A 168 -12.40 34.01 4.61
CA GLY A 168 -12.83 33.32 3.41
C GLY A 168 -14.16 33.85 2.92
N LEU A 169 -14.15 34.55 1.78
CA LEU A 169 -15.38 35.16 1.28
C LEU A 169 -16.09 34.31 0.25
N ALA A 170 -15.58 33.12 -0.04
CA ALA A 170 -16.29 32.22 -0.93
C ALA A 170 -17.50 31.61 -0.23
N TYR A 171 -18.03 30.53 -0.79
CA TYR A 171 -19.29 29.96 -0.36
C TYR A 171 -19.08 28.79 0.61
N ALA A 172 -20.19 28.36 1.20
CA ALA A 172 -20.15 27.29 2.21
C ALA A 172 -19.65 25.97 1.63
N GLU A 173 -20.05 25.65 0.40
CA GLU A 173 -19.70 24.39 -0.23
C GLU A 173 -18.21 24.04 -0.07
N ILE A 174 -17.31 25.02 -0.11
CA ILE A 174 -15.90 24.75 0.08
C ILE A 174 -15.45 25.03 1.53
N ALA A 175 -16.39 25.22 2.44
CA ALA A 175 -16.03 25.41 3.84
C ALA A 175 -15.56 24.09 4.47
N ARG A 176 -14.72 24.21 5.48
CA ARG A 176 -14.22 23.06 6.21
C ARG A 176 -14.82 23.05 7.62
N PRO A 177 -15.18 21.85 8.11
CA PRO A 177 -14.98 20.58 7.40
C PRO A 177 -16.17 20.21 6.48
N ASP A 178 -17.20 21.04 6.49
CA ASP A 178 -18.37 20.82 5.65
C ASP A 178 -19.12 22.14 5.54
N ASP A 179 -20.16 22.15 4.69
CA ASP A 179 -20.91 23.39 4.47
C ASP A 179 -21.81 23.75 5.64
N SER A 180 -21.85 22.92 6.68
CA SER A 180 -22.59 23.25 7.88
C SER A 180 -22.11 24.55 8.49
N LEU A 181 -20.84 24.90 8.27
CA LEU A 181 -20.16 26.01 8.93
C LEU A 181 -20.39 27.28 8.12
N GLU A 182 -21.46 27.99 8.46
CA GLU A 182 -21.79 29.26 7.84
C GLU A 182 -20.54 30.14 7.72
N PRO A 183 -20.17 30.58 6.52
CA PRO A 183 -19.02 31.48 6.38
C PRO A 183 -19.41 32.91 6.75
N PHE A 184 -18.39 33.70 7.08
CA PHE A 184 -18.62 35.03 7.66
C PHE A 184 -19.65 35.83 6.88
N PHE A 185 -19.42 36.01 5.57
CA PHE A 185 -20.32 36.86 4.79
C PHE A 185 -21.75 36.36 4.85
N ASP A 186 -21.93 35.05 4.75
CA ASP A 186 -23.27 34.47 4.96
C ASP A 186 -23.86 34.92 6.29
N SER A 187 -23.09 34.81 7.37
CA SER A 187 -23.54 35.28 8.67
C SER A 187 -23.94 36.75 8.59
N LEU A 188 -23.08 37.58 7.99
CA LEU A 188 -23.33 39.02 7.95
C LEU A 188 -24.61 39.34 7.17
N VAL A 189 -24.79 38.72 6.00
CA VAL A 189 -26.02 39.00 5.26
C VAL A 189 -27.24 38.42 5.97
N LYS A 190 -27.07 37.31 6.68
CA LYS A 190 -28.20 36.67 7.36
C LYS A 190 -28.62 37.40 8.64
N GLN A 191 -27.71 38.17 9.25
CA GLN A 191 -27.96 38.82 10.52
C GLN A 191 -28.12 40.32 10.42
N THR A 192 -28.02 40.89 9.21
CA THR A 192 -28.10 42.33 9.04
C THR A 192 -28.87 42.64 7.76
N HIS A 193 -28.90 43.93 7.42
CA HIS A 193 -29.51 44.41 6.19
C HIS A 193 -28.47 44.72 5.12
N VAL A 194 -27.21 44.37 5.37
CA VAL A 194 -26.15 44.47 4.37
C VAL A 194 -26.53 43.65 3.15
N PRO A 195 -26.65 44.28 1.98
CA PRO A 195 -26.96 43.50 0.77
C PRO A 195 -25.90 42.44 0.50
N ASN A 196 -26.29 41.44 -0.29
CA ASN A 196 -25.46 40.25 -0.49
C ASN A 196 -24.55 40.45 -1.70
N LEU A 197 -23.50 41.22 -1.48
CA LEU A 197 -22.68 41.71 -2.57
C LEU A 197 -21.50 42.45 -1.98
N PHE A 198 -20.34 42.31 -2.60
CA PHE A 198 -19.20 43.10 -2.18
C PHE A 198 -18.27 43.25 -3.36
N SER A 199 -17.56 44.37 -3.40
CA SER A 199 -16.60 44.67 -4.44
C SER A 199 -15.22 44.87 -3.83
N LEU A 200 -14.20 44.47 -4.59
CA LEU A 200 -12.81 44.59 -4.17
C LEU A 200 -12.07 45.45 -5.17
N GLN A 201 -11.28 46.40 -4.66
CA GLN A 201 -10.48 47.31 -5.49
C GLN A 201 -9.06 47.20 -4.95
N LEU A 202 -8.26 46.37 -5.61
CA LEU A 202 -6.89 46.10 -5.19
C LEU A 202 -5.94 46.96 -6.01
N CYS A 203 -5.30 47.92 -5.35
CA CYS A 203 -4.32 48.78 -5.97
C CYS A 203 -2.92 48.27 -5.67
N GLY A 204 -2.04 48.34 -6.67
CA GLY A 204 -0.67 47.89 -6.49
C GLY A 204 0.22 48.88 -5.76
N ALA A 205 1.36 49.20 -6.35
CA ALA A 205 2.32 50.10 -5.74
C ALA A 205 2.48 51.37 -6.56
N SER A 217 3.09 50.04 1.88
CA SER A 217 3.32 49.64 0.49
C SER A 217 2.04 49.71 -0.34
N VAL A 218 1.15 48.74 -0.16
CA VAL A 218 0.03 48.51 -1.06
C VAL A 218 -1.29 48.59 -0.31
N GLY A 219 -2.35 49.01 -1.02
CA GLY A 219 -3.65 49.15 -0.40
C GLY A 219 -4.79 49.12 -1.41
N GLY A 220 -6.00 49.14 -0.88
CA GLY A 220 -7.18 49.09 -1.73
C GLY A 220 -8.42 49.36 -0.92
N SER A 221 -9.56 48.91 -1.44
CA SER A 221 -10.82 49.10 -0.75
C SER A 221 -11.65 47.83 -0.88
N MET A 222 -12.40 47.53 0.17
CA MET A 222 -13.40 46.47 0.15
C MET A 222 -14.73 47.14 0.49
N ILE A 223 -15.55 47.37 -0.52
CA ILE A 223 -16.87 47.94 -0.31
C ILE A 223 -17.82 46.78 0.00
N ILE A 224 -18.16 46.64 1.28
CA ILE A 224 -19.07 45.58 1.72
C ILE A 224 -20.50 46.03 1.49
N GLY A 225 -21.22 45.32 0.63
CA GLY A 225 -22.63 45.55 0.43
C GLY A 225 -23.02 46.51 -0.68
N GLY A 226 -22.14 46.79 -1.62
CA GLY A 226 -22.54 47.66 -2.70
C GLY A 226 -21.43 47.87 -3.72
N ILE A 227 -21.63 48.91 -4.52
CA ILE A 227 -20.69 49.35 -5.54
C ILE A 227 -20.42 50.84 -5.32
N ASP A 228 -19.15 51.21 -5.27
CA ASP A 228 -18.79 52.62 -5.14
C ASP A 228 -18.35 53.15 -6.50
N HIS A 229 -19.20 53.99 -7.09
CA HIS A 229 -19.01 54.35 -8.49
C HIS A 229 -17.84 55.29 -8.72
N SER A 230 -17.34 55.92 -7.65
CA SER A 230 -16.16 56.76 -7.79
C SER A 230 -14.90 55.94 -7.92
N LEU A 231 -14.97 54.63 -7.76
CA LEU A 231 -13.79 53.78 -7.73
C LEU A 231 -13.48 53.13 -9.06
N TYR A 232 -14.35 53.27 -10.06
CA TYR A 232 -14.11 52.69 -11.36
C TYR A 232 -14.66 53.63 -12.42
N THR A 233 -14.12 53.50 -13.64
CA THR A 233 -14.59 54.24 -14.79
C THR A 233 -15.18 53.26 -15.80
N GLY A 234 -15.91 53.80 -16.76
CA GLY A 234 -16.50 52.90 -17.73
C GLY A 234 -17.68 52.15 -17.13
N SER A 235 -18.06 51.07 -17.80
CA SER A 235 -19.15 50.23 -17.35
C SER A 235 -18.62 48.92 -16.81
N LEU A 236 -19.37 48.35 -15.86
CA LEU A 236 -19.08 47.01 -15.37
C LEU A 236 -19.50 45.95 -16.39
N TRP A 237 -18.66 44.95 -16.56
CA TRP A 237 -19.02 43.76 -17.33
C TRP A 237 -19.06 42.55 -16.39
N TYR A 238 -20.07 41.71 -16.59
CA TYR A 238 -20.37 40.63 -15.67
C TYR A 238 -20.21 39.28 -16.34
N THR A 239 -19.58 38.40 -15.65
CA THR A 239 -19.51 37.01 -16.03
C THR A 239 -20.28 36.21 -14.99
N PRO A 240 -20.99 35.16 -15.41
CA PRO A 240 -21.75 34.36 -14.43
C PRO A 240 -20.84 33.63 -13.49
N ILE A 241 -21.23 33.57 -12.22
CA ILE A 241 -20.65 32.58 -11.30
C ILE A 241 -21.18 31.21 -11.73
N ARG A 242 -20.32 30.36 -12.26
CA ARG A 242 -20.77 29.09 -12.80
C ARG A 242 -21.49 28.27 -11.74
N ARG A 243 -21.01 28.35 -10.50
CA ARG A 243 -21.47 27.51 -9.41
C ARG A 243 -20.97 28.14 -8.12
N GLU A 244 -21.77 28.05 -7.07
CA GLU A 244 -21.48 28.78 -5.84
C GLU A 244 -20.70 27.91 -4.87
N TRP A 245 -19.45 27.62 -5.26
CA TRP A 245 -18.52 27.05 -4.29
C TRP A 245 -17.31 27.97 -4.17
N TYR A 246 -16.33 27.85 -5.06
CA TYR A 246 -15.44 28.96 -5.32
C TYR A 246 -16.16 30.07 -6.08
N TYR A 247 -15.45 31.16 -6.33
CA TYR A 247 -15.92 32.12 -7.33
C TYR A 247 -15.44 31.61 -8.68
N GLU A 248 -16.29 30.81 -9.31
CA GLU A 248 -15.91 30.01 -10.46
C GLU A 248 -16.46 30.63 -11.73
N VAL A 249 -15.56 31.04 -12.63
CA VAL A 249 -15.89 31.70 -13.87
C VAL A 249 -15.40 30.85 -15.04
N ILE A 250 -15.94 31.13 -16.22
CA ILE A 250 -15.58 30.38 -17.42
C ILE A 250 -14.83 31.29 -18.38
N ILE A 251 -13.58 30.95 -18.64
CA ILE A 251 -12.75 31.69 -19.59
C ILE A 251 -12.95 31.10 -20.97
N VAL A 252 -13.48 31.89 -21.89
CA VAL A 252 -13.88 31.37 -23.20
C VAL A 252 -12.81 31.57 -24.27
N ARG A 253 -11.89 32.51 -24.08
CA ARG A 253 -10.86 32.77 -25.08
C ARG A 253 -9.69 33.44 -24.38
N VAL A 254 -8.49 33.22 -24.91
CA VAL A 254 -7.30 33.88 -24.40
C VAL A 254 -6.51 34.42 -25.58
N GLU A 255 -6.11 35.69 -25.48
CA GLU A 255 -5.30 36.33 -26.52
C GLU A 255 -4.04 36.92 -25.89
N ILE A 256 -2.93 36.80 -26.60
CA ILE A 256 -1.68 37.46 -26.24
C ILE A 256 -1.31 38.38 -27.38
N ASN A 257 -1.17 39.67 -27.07
CA ASN A 257 -0.89 40.72 -28.05
C ASN A 257 -1.80 40.60 -29.27
N GLY A 258 -3.10 40.42 -29.00
CA GLY A 258 -4.08 40.31 -30.06
C GLY A 258 -4.03 39.02 -30.85
N GLN A 259 -3.31 38.01 -30.37
CA GLN A 259 -3.23 36.72 -31.04
C GLN A 259 -3.86 35.65 -30.17
N ASP A 260 -4.71 34.84 -30.77
CA ASP A 260 -5.41 33.80 -30.02
C ASP A 260 -4.47 32.64 -29.78
N LEU A 261 -4.38 32.19 -28.52
CA LEU A 261 -3.65 30.95 -28.24
C LEU A 261 -4.24 29.76 -28.98
N LYS A 262 -5.48 29.87 -29.46
CA LYS A 262 -6.12 28.83 -30.28
C LYS A 262 -6.00 27.46 -29.63
N MET A 263 -6.20 27.41 -28.32
CA MET A 263 -6.36 26.15 -27.62
C MET A 263 -7.84 25.82 -27.48
N ASP A 264 -8.12 24.57 -27.12
CA ASP A 264 -9.47 24.19 -26.76
C ASP A 264 -9.92 25.03 -25.58
N CYS A 265 -11.10 25.64 -25.72
CA CYS A 265 -11.72 26.46 -24.69
C CYS A 265 -11.61 25.77 -23.34
N LYS A 266 -11.81 24.45 -23.32
CA LYS A 266 -11.80 23.72 -22.07
C LYS A 266 -10.47 23.88 -21.34
N GLU A 267 -9.36 23.80 -22.08
CA GLU A 267 -8.05 23.90 -21.47
C GLU A 267 -7.95 25.09 -20.53
N TYR A 268 -8.62 26.20 -20.85
CA TYR A 268 -8.54 27.39 -20.02
C TYR A 268 -9.14 27.16 -18.65
N ASN A 269 -10.17 26.33 -18.57
CA ASN A 269 -10.85 26.07 -17.30
C ASN A 269 -10.64 24.63 -16.86
N TYR A 270 -9.60 23.97 -17.37
CA TYR A 270 -9.33 22.59 -17.01
C TYR A 270 -9.24 22.46 -15.51
N ASP A 271 -10.12 21.61 -14.97
CA ASP A 271 -10.49 21.62 -13.57
C ASP A 271 -11.48 22.77 -13.39
N LYS A 272 -10.97 23.98 -13.17
CA LYS A 272 -11.82 25.13 -12.93
C LYS A 272 -11.03 26.41 -13.14
N SER A 273 -11.76 27.52 -13.20
CA SER A 273 -11.22 28.86 -13.12
C SER A 273 -11.90 29.56 -11.96
N ILE A 274 -11.11 30.27 -11.15
CA ILE A 274 -11.65 31.00 -10.01
C ILE A 274 -10.99 32.38 -9.91
N VAL A 275 -11.70 33.28 -9.23
CA VAL A 275 -11.17 34.58 -8.80
C VAL A 275 -10.77 34.45 -7.34
N ASP A 276 -9.48 34.60 -7.04
CA ASP A 276 -9.00 34.45 -5.67
C ASP A 276 -8.10 35.64 -5.34
N SER A 277 -8.65 36.60 -4.60
CA SER A 277 -7.84 37.71 -4.10
C SER A 277 -6.74 37.24 -3.18
N GLY A 278 -6.79 36.00 -2.71
CA GLY A 278 -5.79 35.43 -1.83
C GLY A 278 -4.61 34.76 -2.50
N THR A 279 -4.61 34.65 -3.82
CA THR A 279 -3.49 34.13 -4.58
C THR A 279 -2.84 35.27 -5.34
N THR A 280 -1.54 35.47 -5.16
CA THR A 280 -0.89 36.64 -5.74
C THR A 280 -0.84 36.56 -7.26
N ASN A 281 -0.39 35.41 -7.79
CA ASN A 281 -0.07 35.28 -9.21
C ASN A 281 -1.31 35.04 -10.05
N LEU A 282 -1.08 35.01 -11.37
CA LEU A 282 -2.02 34.43 -12.32
C LEU A 282 -1.59 32.98 -12.54
N ARG A 283 -2.44 32.04 -12.17
CA ARG A 283 -2.09 30.63 -12.22
C ARG A 283 -2.88 29.93 -13.31
N LEU A 284 -2.17 29.25 -14.20
CA LEU A 284 -2.73 28.64 -15.40
C LEU A 284 -2.53 27.13 -15.42
N PRO A 285 -3.47 26.37 -16.00
CA PRO A 285 -3.25 24.93 -16.21
C PRO A 285 -1.94 24.70 -16.97
N LYS A 286 -1.38 23.50 -16.86
CA LYS A 286 -0.08 23.23 -17.48
C LYS A 286 -0.07 23.64 -18.95
N LYS A 287 -1.02 23.10 -19.71
CA LYS A 287 -1.01 23.32 -21.17
C LYS A 287 -1.14 24.80 -21.49
N VAL A 288 -2.13 25.47 -20.88
CA VAL A 288 -2.29 26.90 -21.10
C VAL A 288 -1.02 27.64 -20.69
N PHE A 289 -0.51 27.33 -19.49
CA PHE A 289 0.68 27.99 -18.98
C PHE A 289 1.81 27.92 -19.97
N GLU A 290 2.11 26.72 -20.46
CA GLU A 290 3.22 26.55 -21.38
C GLU A 290 3.02 27.41 -22.63
N ALA A 291 1.81 27.34 -23.21
CA ALA A 291 1.49 28.18 -24.36
C ALA A 291 1.83 29.63 -24.10
N ALA A 292 1.35 30.18 -22.98
CA ALA A 292 1.55 31.60 -22.70
C ALA A 292 3.02 31.94 -22.53
N VAL A 293 3.75 31.12 -21.76
CA VAL A 293 5.17 31.40 -21.56
C VAL A 293 5.89 31.43 -22.91
N LYS A 294 5.65 30.41 -23.73
CA LYS A 294 6.18 30.42 -25.09
C LYS A 294 5.86 31.74 -25.78
N SER A 295 4.58 32.16 -25.71
CA SER A 295 4.17 33.40 -26.36
C SER A 295 4.89 34.60 -25.76
N ILE A 296 4.92 34.68 -24.43
CA ILE A 296 5.56 35.81 -23.76
C ILE A 296 7.06 35.80 -24.00
N LYS A 297 7.68 34.62 -24.04
CA LYS A 297 9.11 34.54 -24.34
C LYS A 297 9.40 35.13 -25.70
N ALA A 298 8.70 34.66 -26.73
CA ALA A 298 8.89 35.17 -28.08
C ALA A 298 8.69 36.68 -28.13
N ALA A 299 7.71 37.20 -27.38
CA ALA A 299 7.48 38.63 -27.33
C ALA A 299 8.67 39.36 -26.72
N SER A 300 9.48 38.67 -25.92
CA SER A 300 10.57 39.28 -25.20
C SER A 300 11.94 38.72 -25.58
N SER A 301 12.03 37.91 -26.64
CA SER A 301 13.32 37.34 -27.05
C SER A 301 14.39 38.41 -27.26
N THR A 302 14.01 39.67 -27.46
CA THR A 302 15.00 40.72 -27.63
C THR A 302 15.99 40.77 -26.45
N GLU A 303 15.49 40.57 -25.23
CA GLU A 303 16.35 40.47 -24.06
C GLU A 303 16.43 39.00 -23.65
N LYS A 304 17.16 38.73 -22.56
CA LYS A 304 17.35 37.36 -22.10
C LYS A 304 17.29 37.30 -20.59
N PHE A 305 16.72 36.19 -20.09
CA PHE A 305 16.48 35.96 -18.67
C PHE A 305 16.68 34.47 -18.40
N PRO A 306 17.09 34.10 -17.18
CA PRO A 306 17.15 32.68 -16.83
C PRO A 306 15.78 32.04 -16.90
N ASP A 307 15.70 30.84 -17.47
CA ASP A 307 14.42 30.13 -17.50
C ASP A 307 13.95 29.78 -16.10
N GLY A 308 14.78 30.02 -15.06
CA GLY A 308 14.30 30.07 -13.70
C GLY A 308 13.51 31.33 -13.40
N PHE A 309 13.69 32.38 -14.19
CA PHE A 309 12.80 33.53 -14.13
C PHE A 309 11.38 33.13 -14.51
N TRP A 310 11.22 32.51 -15.68
CA TRP A 310 9.90 32.08 -16.11
C TRP A 310 9.29 31.08 -15.13
N LEU A 311 10.10 30.50 -14.26
CA LEU A 311 9.59 29.62 -13.22
C LEU A 311 9.28 30.35 -11.92
N GLY A 312 9.47 31.66 -11.88
CA GLY A 312 9.31 32.42 -10.66
C GLY A 312 10.47 32.29 -9.70
N GLU A 313 11.46 31.45 -10.03
CA GLU A 313 12.60 31.22 -9.14
C GLU A 313 13.50 32.44 -9.06
N GLN A 314 14.10 32.83 -10.19
CA GLN A 314 15.04 33.94 -10.19
C GLN A 314 14.29 35.27 -10.31
N LEU A 315 15.05 36.35 -10.51
CA LEU A 315 14.57 37.71 -10.48
C LEU A 315 15.12 38.45 -11.68
N VAL A 316 14.46 39.53 -12.10
CA VAL A 316 14.97 40.37 -13.18
C VAL A 316 15.05 41.81 -12.70
N CYS A 317 16.14 42.48 -13.08
CA CYS A 317 16.35 43.88 -12.76
C CYS A 317 16.80 44.63 -14.01
N TRP A 318 16.51 45.93 -14.03
CA TRP A 318 16.94 46.83 -15.08
C TRP A 318 17.35 48.14 -14.42
N GLN A 319 18.30 48.84 -15.04
CA GLN A 319 18.61 50.22 -14.64
C GLN A 319 17.33 51.00 -14.39
N ALA A 320 17.21 51.61 -13.21
CA ALA A 320 15.97 52.27 -12.83
C ALA A 320 15.34 53.04 -13.97
N GLY A 321 14.02 52.89 -14.16
CA GLY A 321 13.31 53.60 -15.20
C GLY A 321 13.64 53.15 -16.61
N THR A 322 14.23 51.96 -16.74
CA THR A 322 14.70 51.45 -18.02
C THR A 322 13.97 50.19 -18.45
N THR A 323 12.92 49.81 -17.72
CA THR A 323 12.24 48.55 -17.97
C THR A 323 11.69 48.52 -19.39
N PRO A 324 12.01 47.54 -20.14
CA PRO A 324 11.54 47.43 -21.52
C PRO A 324 10.10 46.90 -21.60
N TRP A 325 9.17 47.69 -21.04
CA TRP A 325 7.77 47.28 -21.02
C TRP A 325 7.26 46.90 -22.40
N ASN A 326 7.75 47.59 -23.43
CA ASN A 326 7.19 47.41 -24.76
C ASN A 326 7.34 45.98 -25.26
N ILE A 327 8.41 45.29 -24.85
CA ILE A 327 8.60 43.93 -25.38
C ILE A 327 7.76 42.90 -24.65
N PHE A 328 7.07 43.29 -23.61
CA PHE A 328 6.18 42.33 -22.97
C PHE A 328 4.75 42.56 -23.43
N PRO A 329 4.03 41.51 -23.80
CA PRO A 329 2.72 41.65 -24.42
C PRO A 329 1.62 41.92 -23.39
N VAL A 330 0.43 42.19 -23.90
CA VAL A 330 -0.78 42.21 -23.11
C VAL A 330 -1.44 40.86 -23.25
N ILE A 331 -2.07 40.39 -22.17
CA ILE A 331 -2.85 39.15 -22.17
C ILE A 331 -4.32 39.55 -22.08
N SER A 332 -5.13 38.96 -22.93
CA SER A 332 -6.57 39.23 -22.96
C SER A 332 -7.30 37.96 -22.53
N LEU A 333 -8.03 38.06 -21.43
CA LEU A 333 -8.91 37.00 -20.96
C LEU A 333 -10.33 37.37 -21.35
N TYR A 334 -10.97 36.53 -22.15
CA TYR A 334 -12.37 36.71 -22.51
C TYR A 334 -13.21 35.88 -21.55
N LEU A 335 -14.06 36.56 -20.79
CA LEU A 335 -14.94 35.91 -19.84
C LEU A 335 -16.34 35.79 -20.42
N MET A 336 -17.01 34.68 -20.11
CA MET A 336 -18.37 34.46 -20.60
C MET A 336 -19.31 35.53 -20.07
N GLY A 337 -20.15 36.06 -20.95
CA GLY A 337 -21.00 37.18 -20.63
C GLY A 337 -22.35 36.80 -20.05
N GLU A 338 -23.28 37.77 -20.07
CA GLU A 338 -24.61 37.60 -19.48
C GLU A 338 -25.69 37.23 -20.49
N VAL A 339 -25.43 37.38 -21.80
CA VAL A 339 -26.42 37.06 -22.82
C VAL A 339 -25.82 35.99 -23.74
N THR A 340 -26.67 35.44 -24.61
CA THR A 340 -26.28 34.30 -25.42
C THR A 340 -25.23 34.67 -26.43
N ASN A 341 -24.24 33.81 -26.60
CA ASN A 341 -23.13 34.03 -27.52
C ASN A 341 -22.33 35.29 -27.19
N GLN A 342 -22.50 35.85 -26.00
CA GLN A 342 -21.89 37.12 -25.67
C GLN A 342 -20.80 36.88 -24.64
N SER A 343 -19.64 37.47 -24.88
CA SER A 343 -18.57 37.52 -23.89
C SER A 343 -17.99 38.92 -23.88
N PHE A 344 -17.01 39.11 -23.00
CA PHE A 344 -16.27 40.35 -22.91
C PHE A 344 -14.86 39.97 -22.52
N ARG A 345 -13.93 40.92 -22.67
CA ARG A 345 -12.54 40.65 -22.33
C ARG A 345 -12.00 41.69 -21.36
N ILE A 346 -11.07 41.23 -20.51
CA ILE A 346 -10.24 42.09 -19.69
C ILE A 346 -8.81 41.94 -20.17
N THR A 347 -8.09 43.05 -20.24
CA THR A 347 -6.76 43.07 -20.83
C THR A 347 -5.74 43.42 -19.76
N ILE A 348 -4.71 42.59 -19.67
CA ILE A 348 -3.70 42.66 -18.63
C ILE A 348 -2.41 43.24 -19.20
N LEU A 349 -1.85 44.25 -18.53
CA LEU A 349 -0.56 44.77 -18.93
C LEU A 349 0.57 44.03 -18.24
N PRO A 350 1.75 44.01 -18.84
CA PRO A 350 2.89 43.37 -18.17
C PRO A 350 3.18 43.99 -16.83
N GLN A 351 2.80 45.25 -16.63
CA GLN A 351 2.93 45.89 -15.33
C GLN A 351 2.22 45.13 -14.23
N GLN A 352 1.35 44.18 -14.59
CA GLN A 352 0.64 43.34 -13.65
C GLN A 352 1.31 41.99 -13.45
N TYR A 353 1.57 41.25 -14.52
CA TYR A 353 2.18 39.94 -14.32
C TYR A 353 3.69 39.99 -14.14
N LEU A 354 4.30 41.17 -14.24
CA LEU A 354 5.68 41.38 -13.82
C LEU A 354 5.63 42.10 -12.48
N ARG A 355 5.76 41.36 -11.43
CA ARG A 355 5.58 42.00 -10.13
C ARG A 355 6.90 42.59 -9.66
N PRO A 356 6.85 43.79 -9.04
CA PRO A 356 8.09 44.42 -8.56
C PRO A 356 8.49 43.91 -7.19
N VAL A 357 9.81 43.78 -6.99
CA VAL A 357 10.36 43.25 -5.75
C VAL A 357 11.65 44.01 -5.45
N GLU A 358 11.65 44.79 -4.38
CA GLU A 358 12.82 45.61 -4.05
C GLU A 358 14.03 44.75 -3.71
N ASP A 359 15.18 45.14 -4.24
CA ASP A 359 16.46 44.55 -3.93
C ASP A 359 17.45 45.67 -3.62
N VAL A 360 18.37 45.40 -2.70
CA VAL A 360 19.35 46.41 -2.28
C VAL A 360 20.61 46.27 -3.12
N ALA A 361 21.03 47.37 -3.75
CA ALA A 361 22.18 47.34 -4.63
C ALA A 361 22.83 48.71 -4.65
N THR A 362 24.15 48.72 -4.89
CA THR A 362 24.86 49.98 -5.09
C THR A 362 24.14 50.86 -6.12
N SER A 363 23.47 50.23 -7.08
CA SER A 363 22.47 50.88 -7.94
C SER A 363 21.13 50.21 -7.66
N GLN A 364 20.14 51.00 -7.24
CA GLN A 364 18.88 50.44 -6.77
C GLN A 364 18.25 49.54 -7.84
N ASP A 365 18.10 50.06 -9.05
CA ASP A 365 17.54 49.29 -10.16
C ASP A 365 16.03 49.07 -9.99
N ASP A 366 15.43 48.39 -10.97
CA ASP A 366 14.04 47.96 -10.93
C ASP A 366 14.03 46.46 -11.11
N CYS A 367 13.50 45.74 -10.12
CA CYS A 367 13.48 44.29 -10.16
C CYS A 367 12.05 43.78 -10.13
N TYR A 368 11.79 42.74 -10.92
CA TYR A 368 10.46 42.14 -11.06
C TYR A 368 10.56 40.63 -11.03
N LYS A 369 9.52 40.00 -10.52
CA LYS A 369 9.36 38.55 -10.56
C LYS A 369 8.24 38.20 -11.53
N PHE A 370 8.41 37.11 -12.26
CA PHE A 370 7.38 36.69 -13.21
C PHE A 370 6.20 36.12 -12.43
N ALA A 371 5.03 36.74 -12.59
CA ALA A 371 3.87 36.48 -11.72
C ALA A 371 2.81 35.63 -12.40
N ILE A 372 3.20 34.80 -13.38
CA ILE A 372 2.33 33.78 -13.95
C ILE A 372 2.93 32.44 -13.60
N SER A 373 2.17 31.57 -12.93
CA SER A 373 2.69 30.31 -12.41
C SER A 373 1.85 29.13 -12.91
N GLN A 374 2.52 27.98 -13.01
CA GLN A 374 1.82 26.77 -13.45
C GLN A 374 0.90 26.28 -12.35
N SER A 375 -0.18 25.61 -12.75
CA SER A 375 -1.20 25.17 -11.81
C SER A 375 -1.65 23.76 -12.12
N SER A 376 -1.96 23.01 -11.06
CA SER A 376 -2.63 21.73 -11.16
C SER A 376 -4.06 21.77 -10.65
N THR A 377 -4.51 22.92 -10.15
CA THR A 377 -5.83 23.08 -9.55
C THR A 377 -6.79 23.88 -10.41
N GLY A 378 -6.41 24.19 -11.65
CA GLY A 378 -7.20 25.04 -12.51
C GLY A 378 -6.58 26.42 -12.64
N THR A 379 -7.28 27.29 -13.35
CA THR A 379 -6.85 28.68 -13.47
C THR A 379 -7.23 29.48 -12.24
N VAL A 380 -6.32 30.34 -11.80
CA VAL A 380 -6.58 31.21 -10.67
C VAL A 380 -6.31 32.64 -11.13
N MET A 381 -7.36 33.45 -11.18
CA MET A 381 -7.24 34.87 -11.48
C MET A 381 -6.88 35.58 -10.18
N GLY A 382 -5.58 35.65 -9.90
CA GLY A 382 -5.10 36.14 -8.64
C GLY A 382 -5.12 37.66 -8.53
N ALA A 383 -4.37 38.13 -7.53
CA ALA A 383 -4.37 39.55 -7.20
C ALA A 383 -3.76 40.39 -8.31
N VAL A 384 -2.75 39.85 -9.01
CA VAL A 384 -2.12 40.64 -10.06
C VAL A 384 -3.11 40.90 -11.19
N ILE A 385 -4.00 39.95 -11.45
CA ILE A 385 -5.06 40.17 -12.42
C ILE A 385 -6.08 41.15 -11.88
N MET A 386 -6.43 41.00 -10.58
CA MET A 386 -7.46 41.84 -10.00
C MET A 386 -7.00 43.27 -9.78
N GLU A 387 -5.71 43.46 -9.48
CA GLU A 387 -5.17 44.82 -9.40
C GLU A 387 -5.51 45.60 -10.65
N GLY A 388 -5.96 46.83 -10.46
CA GLY A 388 -6.28 47.64 -11.62
C GLY A 388 -7.67 47.46 -12.16
N PHE A 389 -8.41 46.49 -11.66
CA PHE A 389 -9.83 46.39 -11.96
C PHE A 389 -10.64 46.60 -10.70
N TYR A 390 -11.91 46.95 -10.88
CA TYR A 390 -12.87 46.98 -9.79
C TYR A 390 -13.74 45.73 -9.96
N VAL A 391 -13.62 44.78 -9.04
CA VAL A 391 -14.27 43.47 -9.19
C VAL A 391 -15.45 43.40 -8.24
N VAL A 392 -16.62 43.09 -8.78
CA VAL A 392 -17.84 43.05 -7.99
C VAL A 392 -18.25 41.59 -7.81
N PHE A 393 -18.32 41.16 -6.56
CA PHE A 393 -18.79 39.82 -6.24
C PHE A 393 -20.28 39.94 -5.92
N ASP A 394 -21.06 39.93 -7.00
CA ASP A 394 -22.51 40.05 -6.94
C ASP A 394 -23.10 38.68 -6.64
N ARG A 395 -22.91 38.27 -5.37
CA ARG A 395 -23.51 37.05 -4.87
C ARG A 395 -25.03 37.04 -5.05
N ALA A 396 -25.67 38.21 -4.98
CA ALA A 396 -27.12 38.29 -5.14
C ALA A 396 -27.56 37.85 -6.53
N ARG A 397 -26.99 38.45 -7.56
CA ARG A 397 -27.33 38.11 -8.93
C ARG A 397 -26.38 37.08 -9.54
N LYS A 398 -25.59 36.40 -8.69
CA LYS A 398 -24.82 35.22 -9.09
C LYS A 398 -23.85 35.53 -10.22
N ARG A 399 -23.08 36.61 -10.09
CA ARG A 399 -22.22 37.06 -11.17
C ARG A 399 -21.02 37.82 -10.60
N ILE A 400 -20.00 38.02 -11.44
CA ILE A 400 -18.84 38.83 -11.10
C ILE A 400 -18.66 39.91 -12.16
N GLY A 401 -18.63 41.17 -11.73
CA GLY A 401 -18.47 42.30 -12.64
C GLY A 401 -17.07 42.86 -12.60
N PHE A 402 -16.60 43.31 -13.76
CA PHE A 402 -15.28 43.90 -13.91
C PHE A 402 -15.37 45.26 -14.57
N ALA A 403 -14.61 46.20 -14.04
CA ALA A 403 -14.47 47.53 -14.63
C ALA A 403 -13.03 47.97 -14.41
N VAL A 404 -12.60 48.95 -15.20
CA VAL A 404 -11.27 49.52 -15.02
C VAL A 404 -11.22 50.27 -13.70
N SER A 405 -10.25 49.92 -12.86
CA SER A 405 -10.15 50.54 -11.55
C SER A 405 -9.73 52.01 -11.67
N ALA A 406 -10.14 52.81 -10.68
CA ALA A 406 -9.59 54.17 -10.56
C ALA A 406 -8.08 54.13 -10.38
N CYS A 407 -7.57 53.16 -9.62
CA CYS A 407 -6.14 52.98 -9.42
C CYS A 407 -5.67 51.91 -10.38
N HIS A 408 -5.45 52.31 -11.62
CA HIS A 408 -5.12 51.34 -12.63
C HIS A 408 -3.64 51.45 -13.03
N VAL A 409 -3.27 50.66 -14.04
CA VAL A 409 -1.88 50.32 -14.29
C VAL A 409 -1.12 51.45 -14.98
N HIS A 410 -1.74 52.06 -15.99
CA HIS A 410 -1.16 53.26 -16.60
C HIS A 410 0.20 53.06 -17.28
N ASP A 411 0.25 52.20 -18.30
CA ASP A 411 1.35 52.21 -19.26
C ASP A 411 1.32 53.52 -20.05
N GLU A 412 2.46 53.86 -20.66
CA GLU A 412 2.54 55.12 -21.39
C GLU A 412 1.80 55.07 -22.72
N PHE A 413 1.73 53.90 -23.36
CA PHE A 413 1.06 53.76 -24.65
C PHE A 413 0.08 52.60 -24.70
N ARG A 414 -0.27 52.01 -23.55
CA ARG A 414 -1.20 50.89 -23.49
C ARG A 414 -2.02 50.99 -22.21
N THR A 415 -3.22 50.42 -22.24
CA THR A 415 -4.16 50.53 -21.13
C THR A 415 -4.76 49.16 -20.83
N ALA A 416 -4.83 48.82 -19.55
CA ALA A 416 -5.60 47.66 -19.14
C ALA A 416 -7.08 48.00 -19.27
N ALA A 417 -7.86 47.11 -19.87
CA ALA A 417 -9.19 47.47 -20.31
C ALA A 417 -10.18 46.36 -19.99
N VAL A 418 -11.45 46.77 -19.89
CA VAL A 418 -12.59 45.87 -19.89
C VAL A 418 -13.45 46.27 -21.08
N GLU A 419 -13.63 45.36 -22.03
CA GLU A 419 -14.26 45.70 -23.30
C GLU A 419 -15.29 44.65 -23.69
N GLY A 420 -16.45 45.14 -24.14
CA GLY A 420 -17.47 44.28 -24.70
C GLY A 420 -18.35 45.12 -25.61
N PRO A 421 -19.33 44.47 -26.26
CA PRO A 421 -19.54 43.03 -26.24
C PRO A 421 -18.69 42.30 -27.26
N PHE A 422 -18.37 41.04 -26.98
CA PHE A 422 -17.77 40.16 -27.97
C PHE A 422 -18.71 38.99 -28.18
N VAL A 423 -18.77 38.49 -29.40
CA VAL A 423 -19.56 37.31 -29.72
C VAL A 423 -18.64 36.10 -29.64
N THR A 424 -19.13 35.02 -29.05
CA THR A 424 -18.38 33.78 -28.90
C THR A 424 -19.40 32.64 -28.85
N LEU A 425 -19.24 31.67 -29.74
CA LEU A 425 -20.20 30.59 -29.85
C LEU A 425 -19.77 29.38 -29.03
N ASP A 426 -20.77 28.56 -28.67
CA ASP A 426 -20.53 27.34 -27.89
C ASP A 426 -19.80 27.63 -26.59
N MET A 427 -20.08 28.79 -25.98
CA MET A 427 -19.39 29.15 -24.74
C MET A 427 -19.58 28.09 -23.66
N GLU A 428 -20.74 27.43 -23.63
CA GLU A 428 -20.99 26.41 -22.63
C GLU A 428 -19.98 25.28 -22.74
N ASP A 429 -19.48 25.00 -23.94
CA ASP A 429 -18.47 23.98 -24.18
C ASP A 429 -17.15 24.27 -23.48
N CYS A 430 -17.04 25.36 -22.74
CA CYS A 430 -15.74 25.72 -22.15
C CYS A 430 -15.62 25.28 -20.70
N GLY A 431 -16.75 25.05 -20.04
CA GLY A 431 -16.72 24.48 -18.72
C GLY A 431 -16.20 23.06 -18.77
N TYR A 432 -15.27 22.75 -17.86
CA TYR A 432 -14.75 21.40 -17.73
C TYR A 432 -15.72 20.57 -16.91
N ASN A 433 -15.88 19.31 -17.32
CA ASN A 433 -16.73 18.37 -16.60
C ASN A 433 -16.00 17.05 -16.35
N GLY B 45 2.46 19.24 18.90
CA GLY B 45 3.01 18.38 17.87
C GLY B 45 2.77 18.91 16.47
N SER B 46 3.86 19.25 15.77
CA SER B 46 3.74 19.65 14.38
C SER B 46 3.18 18.50 13.55
N PHE B 47 1.99 18.02 13.94
CA PHE B 47 1.31 16.98 13.17
C PHE B 47 0.57 17.57 11.98
N VAL B 48 0.27 18.87 12.05
CA VAL B 48 -0.45 19.52 10.95
C VAL B 48 0.30 19.35 9.64
N GLU B 49 1.63 19.34 9.70
CA GLU B 49 2.41 19.04 8.51
C GLU B 49 2.15 17.63 7.98
N MET B 50 1.61 16.74 8.82
CA MET B 50 1.34 15.36 8.41
C MET B 50 -0.10 15.11 8.01
N VAL B 51 -1.02 16.00 8.36
CA VAL B 51 -2.40 15.82 7.90
C VAL B 51 -2.42 15.83 6.38
N ASP B 52 -3.21 14.93 5.80
CA ASP B 52 -3.37 14.84 4.35
C ASP B 52 -2.19 14.19 3.65
N ASN B 53 -1.29 13.52 4.34
CA ASN B 53 -0.14 12.96 3.65
C ASN B 53 -0.43 11.63 2.97
N LEU B 54 -1.68 11.18 2.95
CA LEU B 54 -2.08 9.95 2.28
C LEU B 54 -3.02 10.24 1.11
N ARG B 55 -2.77 9.58 -0.02
CA ARG B 55 -3.60 9.63 -1.21
C ARG B 55 -3.98 8.21 -1.62
N GLY B 56 -4.87 8.09 -2.58
CA GLY B 56 -5.24 6.76 -3.02
C GLY B 56 -6.26 6.78 -4.15
N LYS B 57 -6.53 5.57 -4.65
CA LYS B 57 -7.66 5.30 -5.53
C LYS B 57 -8.61 4.37 -4.80
N SER B 58 -9.91 4.56 -4.99
CA SER B 58 -10.89 3.74 -4.29
C SER B 58 -10.56 2.25 -4.44
N GLY B 59 -10.57 1.54 -3.31
CA GLY B 59 -10.35 0.11 -3.32
C GLY B 59 -8.98 -0.30 -3.80
N GLN B 60 -8.06 0.67 -3.93
CA GLN B 60 -6.69 0.41 -4.37
C GLN B 60 -5.66 0.75 -3.30
N GLY B 61 -6.09 0.90 -2.05
CA GLY B 61 -5.18 1.12 -0.95
C GLY B 61 -4.87 2.59 -0.73
N TYR B 62 -4.17 2.86 0.37
CA TYR B 62 -3.73 4.20 0.72
C TYR B 62 -2.21 4.22 0.75
N TYR B 63 -1.63 5.26 0.16
CA TYR B 63 -0.18 5.35 0.09
C TYR B 63 0.30 6.70 0.59
N VAL B 64 1.51 6.68 1.15
CA VAL B 64 2.24 7.88 1.57
C VAL B 64 3.49 7.96 0.72
N GLU B 65 4.01 9.17 0.59
CA GLU B 65 5.21 9.38 -0.20
C GLU B 65 6.45 9.26 0.68
N MET B 66 7.44 8.49 0.22
CA MET B 66 8.70 8.35 0.92
C MET B 66 9.85 8.43 -0.09
N THR B 67 11.04 8.70 0.44
CA THR B 67 12.28 8.66 -0.34
C THR B 67 13.21 7.63 0.26
N VAL B 68 13.92 6.92 -0.60
CA VAL B 68 14.90 5.92 -0.18
C VAL B 68 16.21 6.20 -0.89
N GLY B 69 17.32 6.08 -0.15
CA GLY B 69 18.64 6.14 -0.72
C GLY B 69 19.15 7.56 -0.92
N SER B 70 20.42 7.65 -1.30
CA SER B 70 21.06 8.91 -1.57
C SER B 70 21.80 8.86 -2.90
N PRO B 71 21.43 9.75 -3.85
CA PRO B 71 20.41 10.78 -3.65
C PRO B 71 19.03 10.18 -3.43
N PRO B 72 18.18 10.86 -2.68
CA PRO B 72 16.84 10.35 -2.41
C PRO B 72 16.08 10.05 -3.70
N GLN B 73 15.31 8.97 -3.67
CA GLN B 73 14.39 8.60 -4.74
C GLN B 73 12.99 8.50 -4.15
N THR B 74 12.02 9.16 -4.78
CA THR B 74 10.67 9.23 -4.25
C THR B 74 9.81 8.10 -4.82
N LEU B 75 9.07 7.43 -3.93
CA LEU B 75 8.11 6.42 -4.33
C LEU B 75 6.89 6.54 -3.43
N ASN B 76 5.73 6.13 -3.95
CA ASN B 76 4.49 6.11 -3.18
C ASN B 76 4.31 4.71 -2.59
N ILE B 77 4.23 4.63 -1.27
CA ILE B 77 4.27 3.36 -0.56
C ILE B 77 2.92 3.13 0.13
N LEU B 78 2.29 2.00 -0.17
CA LEU B 78 1.05 1.61 0.49
C LEU B 78 1.26 1.37 1.98
N VAL B 79 0.39 1.95 2.80
CA VAL B 79 0.46 1.78 4.25
C VAL B 79 -0.37 0.56 4.61
N ASP B 80 0.30 -0.44 5.20
CA ASP B 80 -0.29 -1.77 5.39
C ASP B 80 -0.15 -2.16 6.86
N THR B 81 -1.21 -1.98 7.64
CA THR B 81 -1.17 -2.48 9.01
C THR B 81 -1.30 -3.99 9.09
N GLY B 82 -1.43 -4.66 7.95
CA GLY B 82 -1.53 -6.10 7.90
C GLY B 82 -0.25 -6.87 7.68
N SER B 83 0.90 -6.21 7.56
CA SER B 83 2.16 -6.88 7.33
C SER B 83 3.27 -6.12 8.03
N SER B 84 4.49 -6.66 7.97
CA SER B 84 5.62 -6.06 8.66
C SER B 84 6.86 -5.93 7.78
N ASN B 85 6.70 -6.01 6.47
CA ASN B 85 7.83 -5.94 5.54
C ASN B 85 7.75 -4.65 4.74
N PHE B 86 8.85 -3.90 4.72
CA PHE B 86 8.96 -2.73 3.85
C PHE B 86 9.62 -3.15 2.54
N ALA B 87 8.90 -2.96 1.43
CA ALA B 87 9.33 -3.47 0.14
C ALA B 87 8.90 -2.52 -0.96
N VAL B 88 9.76 -2.38 -1.97
CA VAL B 88 9.50 -1.49 -3.09
C VAL B 88 9.77 -2.24 -4.38
N GLY B 89 9.02 -1.88 -5.42
CA GLY B 89 9.36 -2.32 -6.76
C GLY B 89 10.76 -1.88 -7.14
N ALA B 90 11.64 -2.83 -7.45
CA ALA B 90 13.02 -2.52 -7.73
C ALA B 90 13.40 -2.79 -9.19
N ALA B 91 12.43 -3.16 -10.02
CA ALA B 91 12.70 -3.53 -11.39
C ALA B 91 11.51 -3.07 -12.22
N PRO B 92 11.70 -2.81 -13.50
CA PRO B 92 10.57 -2.42 -14.35
C PRO B 92 9.43 -3.44 -14.27
N HIS B 93 8.23 -2.92 -14.43
CA HIS B 93 7.00 -3.69 -14.32
C HIS B 93 5.94 -2.94 -15.10
N PRO B 94 5.01 -3.65 -15.75
CA PRO B 94 4.01 -2.95 -16.57
C PRO B 94 3.16 -1.95 -15.79
N PHE B 95 3.07 -2.10 -14.47
CA PHE B 95 2.20 -1.26 -13.66
C PHE B 95 2.96 -0.20 -12.86
N LEU B 96 4.27 -0.06 -13.07
CA LEU B 96 5.09 0.79 -12.23
C LEU B 96 5.55 2.02 -12.99
N HIS B 97 5.15 3.20 -12.51
CA HIS B 97 5.70 4.45 -13.04
C HIS B 97 7.12 4.67 -12.55
N ARG B 98 7.40 4.27 -11.32
CA ARG B 98 8.72 4.41 -10.70
C ARG B 98 9.20 3.05 -10.20
N TYR B 99 10.47 3.00 -9.80
CA TYR B 99 10.97 1.84 -9.06
C TYR B 99 12.33 2.16 -8.48
N TYR B 100 12.76 1.32 -7.53
CA TYR B 100 13.98 1.52 -6.77
C TYR B 100 15.20 1.09 -7.60
N GLN B 101 16.21 1.94 -7.65
CA GLN B 101 17.44 1.67 -8.38
C GLN B 101 18.59 1.67 -7.37
N ARG B 102 18.82 0.51 -6.75
CA ARG B 102 19.82 0.42 -5.69
C ARG B 102 21.20 0.83 -6.20
N GLN B 103 21.47 0.58 -7.48
CA GLN B 103 22.73 1.03 -8.07
C GLN B 103 22.94 2.52 -7.87
N LEU B 104 21.86 3.30 -7.86
CA LEU B 104 21.92 4.75 -7.77
C LEU B 104 22.10 5.28 -6.35
N SER B 105 22.13 4.41 -5.35
CA SER B 105 22.18 4.87 -3.96
C SER B 105 23.58 4.72 -3.38
N SER B 106 24.19 5.84 -3.00
CA SER B 106 25.46 5.79 -2.28
C SER B 106 25.32 5.04 -0.96
N THR B 107 24.12 5.01 -0.40
CA THR B 107 23.89 4.47 0.94
C THR B 107 23.28 3.08 0.93
N TYR B 108 22.92 2.56 -0.23
CA TYR B 108 22.40 1.20 -0.31
C TYR B 108 23.41 0.19 0.23
N ARG B 109 22.90 -0.84 0.89
CA ARG B 109 23.70 -1.94 1.40
C ARG B 109 22.97 -3.23 1.13
N ASP B 110 23.63 -4.16 0.43
CA ASP B 110 23.02 -5.42 0.08
C ASP B 110 23.17 -6.40 1.24
N LEU B 111 22.05 -6.95 1.73
CA LEU B 111 22.09 -7.96 2.76
C LEU B 111 22.41 -9.34 2.21
N ARG B 112 22.34 -9.51 0.88
CA ARG B 112 22.65 -10.77 0.21
C ARG B 112 21.79 -11.91 0.74
N LYS B 113 20.49 -11.66 0.89
CA LYS B 113 19.56 -12.69 1.33
C LYS B 113 18.23 -12.48 0.61
N GLY B 114 17.69 -13.55 0.04
CA GLY B 114 16.40 -13.46 -0.60
C GLY B 114 15.25 -13.33 0.40
N VAL B 115 14.09 -12.96 -0.11
CA VAL B 115 12.90 -12.82 0.70
C VAL B 115 11.68 -13.16 -0.14
N TYR B 116 10.69 -13.77 0.51
CA TYR B 116 9.43 -14.09 -0.14
C TYR B 116 8.30 -13.76 0.81
N VAL B 117 7.35 -12.97 0.35
CA VAL B 117 6.24 -12.52 1.20
C VAL B 117 4.92 -12.81 0.49
N PRO B 118 4.12 -13.73 1.00
CA PRO B 118 2.78 -13.93 0.44
C PRO B 118 1.70 -13.19 1.22
N TYR B 119 0.71 -12.66 0.52
CA TYR B 119 -0.41 -11.99 1.16
C TYR B 119 -1.70 -12.75 0.85
N THR B 120 -2.77 -12.36 1.53
CA THR B 120 -4.07 -12.93 1.22
C THR B 120 -4.34 -12.91 -0.29
N GLN B 121 -3.94 -11.84 -0.95
CA GLN B 121 -4.03 -11.78 -2.41
C GLN B 121 -2.82 -11.00 -2.91
N GLY B 122 -2.01 -11.66 -3.72
CA GLY B 122 -0.79 -11.07 -4.23
C GLY B 122 0.41 -11.56 -3.46
N LYS B 123 1.58 -11.56 -4.13
CA LYS B 123 2.80 -12.05 -3.52
C LYS B 123 3.99 -11.54 -4.32
N TRP B 124 5.18 -11.58 -3.70
CA TRP B 124 6.37 -11.13 -4.39
C TRP B 124 7.60 -11.74 -3.71
N GLU B 125 8.65 -11.92 -4.51
CA GLU B 125 9.98 -12.24 -4.03
C GLU B 125 10.91 -11.09 -4.37
N GLY B 126 11.89 -10.86 -3.51
CA GLY B 126 12.82 -9.78 -3.78
C GLY B 126 14.11 -9.96 -3.02
N GLU B 127 14.99 -8.98 -3.15
CA GLU B 127 16.30 -9.02 -2.54
C GLU B 127 16.34 -8.13 -1.32
N LEU B 128 16.85 -8.67 -0.22
CA LEU B 128 16.96 -7.92 1.03
C LEU B 128 18.15 -6.98 1.00
N GLY B 129 17.93 -5.75 1.44
CA GLY B 129 19.00 -4.80 1.57
C GLY B 129 18.66 -3.78 2.64
N THR B 130 19.55 -2.81 2.77
CA THR B 130 19.38 -1.71 3.71
C THR B 130 19.74 -0.41 3.01
N ASP B 131 19.09 0.68 3.43
CA ASP B 131 19.26 1.98 2.78
C ASP B 131 18.66 3.02 3.69
N LEU B 132 18.87 4.28 3.33
CA LEU B 132 18.33 5.40 4.10
C LEU B 132 16.94 5.75 3.58
N VAL B 133 16.01 5.91 4.51
CA VAL B 133 14.62 6.18 4.17
C VAL B 133 14.18 7.41 4.95
N SER B 134 13.25 8.16 4.37
CA SER B 134 12.63 9.27 5.07
C SER B 134 11.27 9.53 4.48
N ILE B 135 10.39 10.13 5.27
CA ILE B 135 9.01 10.40 4.85
C ILE B 135 8.84 11.90 4.66
N PRO B 136 8.84 12.39 3.41
CA PRO B 136 8.75 13.84 3.16
C PRO B 136 7.72 14.55 4.03
N HIS B 137 6.54 13.95 4.17
CA HIS B 137 5.45 14.53 4.95
C HIS B 137 5.22 13.74 6.24
N GLY B 138 6.29 13.28 6.84
CA GLY B 138 6.23 12.66 8.14
C GLY B 138 7.15 13.43 9.06
N PRO B 139 7.61 12.82 10.14
CA PRO B 139 8.59 13.52 10.99
C PRO B 139 9.86 13.85 10.21
N ASN B 140 10.53 14.91 10.66
CA ASN B 140 11.77 15.37 10.05
C ASN B 140 12.89 14.46 10.53
N VAL B 141 13.02 13.29 9.88
CA VAL B 141 14.03 12.31 10.22
C VAL B 141 14.43 11.51 8.99
N THR B 142 15.57 10.85 9.10
CA THR B 142 16.00 9.82 8.16
C THR B 142 16.48 8.62 8.96
N VAL B 143 16.25 7.43 8.42
CA VAL B 143 16.55 6.20 9.14
C VAL B 143 17.14 5.18 8.18
N ARG B 144 18.01 4.33 8.70
CA ARG B 144 18.40 3.15 7.95
C ARG B 144 17.36 2.07 8.20
N ALA B 145 16.83 1.52 7.12
CA ALA B 145 15.70 0.59 7.22
C ALA B 145 15.92 -0.58 6.29
N ASN B 146 15.62 -1.77 6.78
CA ASN B 146 15.56 -2.93 5.90
C ASN B 146 14.61 -2.64 4.75
N ILE B 147 15.00 -3.09 3.56
CA ILE B 147 14.20 -2.86 2.36
C ILE B 147 14.27 -4.11 1.51
N ALA B 148 13.13 -4.49 0.96
CA ALA B 148 13.05 -5.61 0.02
C ALA B 148 12.90 -5.02 -1.38
N ALA B 149 13.87 -5.28 -2.23
CA ALA B 149 13.79 -4.89 -3.64
C ALA B 149 12.96 -5.93 -4.36
N ILE B 150 11.74 -5.57 -4.74
CA ILE B 150 10.84 -6.54 -5.35
C ILE B 150 11.33 -6.84 -6.76
N THR B 151 11.70 -8.10 -7.01
CA THR B 151 12.24 -8.51 -8.30
C THR B 151 11.24 -9.29 -9.15
N GLU B 152 10.33 -10.01 -8.52
CA GLU B 152 9.24 -10.66 -9.22
C GLU B 152 8.03 -10.60 -8.32
N SER B 153 6.87 -10.37 -8.92
CA SER B 153 5.64 -10.25 -8.15
C SER B 153 4.50 -10.83 -8.96
N ASP B 154 3.38 -11.08 -8.30
CA ASP B 154 2.24 -11.70 -8.95
C ASP B 154 0.96 -11.23 -8.27
N LYS B 155 0.09 -10.56 -9.04
CA LYS B 155 -1.18 -10.05 -8.52
C LYS B 155 -0.97 -9.17 -7.30
N PHE B 156 0.16 -8.45 -7.25
CA PHE B 156 0.49 -7.58 -6.12
C PHE B 156 0.29 -6.12 -6.47
N PHE B 157 1.00 -5.64 -7.49
CA PHE B 157 0.83 -4.28 -7.96
C PHE B 157 -0.46 -4.15 -8.77
N ILE B 158 -1.07 -2.97 -8.70
CA ILE B 158 -2.34 -2.70 -9.37
C ILE B 158 -2.09 -1.78 -10.55
N ASN B 159 -2.84 -2.01 -11.63
CA ASN B 159 -2.70 -1.20 -12.83
C ASN B 159 -2.95 0.26 -12.51
N GLY B 160 -2.01 1.12 -12.91
CA GLY B 160 -2.14 2.54 -12.60
C GLY B 160 -2.56 2.79 -11.17
N SER B 161 -1.94 2.09 -10.22
CA SER B 161 -2.29 2.25 -8.82
C SER B 161 -1.70 3.53 -8.25
N ASN B 162 -0.51 3.89 -8.69
CA ASN B 162 0.26 5.04 -8.29
C ASN B 162 1.07 4.77 -7.02
N TRP B 163 0.95 3.61 -6.39
CA TRP B 163 1.93 3.18 -5.40
C TRP B 163 2.81 2.08 -5.97
N GLU B 164 4.09 2.11 -5.60
CA GLU B 164 5.09 1.19 -6.11
C GLU B 164 5.79 0.41 -5.00
N GLY B 165 5.25 0.41 -3.79
CA GLY B 165 5.86 -0.28 -2.67
C GLY B 165 4.87 -0.35 -1.53
N ILE B 166 5.30 -1.00 -0.45
CA ILE B 166 4.40 -1.30 0.66
C ILE B 166 5.14 -1.05 1.97
N LEU B 167 4.42 -0.48 2.95
CA LEU B 167 4.98 -0.16 4.26
C LEU B 167 4.29 -1.02 5.32
N GLY B 168 4.97 -2.08 5.74
CA GLY B 168 4.42 -2.95 6.77
C GLY B 168 4.59 -2.42 8.17
N LEU B 169 3.48 -2.06 8.81
CA LEU B 169 3.54 -1.38 10.10
C LEU B 169 3.22 -2.30 11.28
N ALA B 170 2.78 -3.52 11.02
CA ALA B 170 2.61 -4.51 12.07
C ALA B 170 3.97 -4.94 12.61
N TYR B 171 3.93 -5.83 13.60
CA TYR B 171 5.08 -6.17 14.43
C TYR B 171 6.02 -7.17 13.73
N ALA B 172 7.21 -7.30 14.31
CA ALA B 172 8.25 -8.13 13.71
C ALA B 172 7.85 -9.61 13.65
N GLU B 173 7.03 -10.07 14.59
CA GLU B 173 6.75 -11.50 14.66
C GLU B 173 6.25 -12.05 13.34
N ILE B 174 5.58 -11.22 12.53
CA ILE B 174 5.02 -11.69 11.26
C ILE B 174 5.83 -11.20 10.06
N ALA B 175 7.01 -10.65 10.29
CA ALA B 175 7.89 -10.29 9.19
C ALA B 175 8.52 -11.53 8.55
N ARG B 176 8.85 -11.41 7.27
CA ARG B 176 9.58 -12.45 6.56
C ARG B 176 10.99 -11.95 6.25
N PRO B 177 11.98 -12.86 6.17
CA PRO B 177 11.95 -14.31 6.41
C PRO B 177 11.57 -14.68 7.84
N ASP B 178 11.86 -13.81 8.81
CA ASP B 178 11.55 -14.08 10.21
C ASP B 178 11.66 -12.80 11.03
N ASP B 179 11.40 -12.92 12.32
CA ASP B 179 11.37 -11.79 13.24
C ASP B 179 12.72 -11.11 13.36
N SER B 180 13.74 -11.68 12.74
CA SER B 180 15.08 -11.09 12.72
C SER B 180 15.09 -9.77 11.97
N LEU B 181 14.29 -9.68 10.91
CA LEU B 181 14.17 -8.50 10.06
C LEU B 181 13.39 -7.42 10.80
N GLU B 182 14.09 -6.43 11.32
CA GLU B 182 13.43 -5.33 12.00
C GLU B 182 12.43 -4.68 11.05
N PRO B 183 11.15 -4.62 11.40
CA PRO B 183 10.20 -3.90 10.55
C PRO B 183 10.44 -2.40 10.61
N PHE B 184 9.95 -1.70 9.59
CA PHE B 184 10.32 -0.31 9.40
C PHE B 184 10.06 0.54 10.64
N PHE B 185 8.82 0.51 11.16
CA PHE B 185 8.47 1.41 12.26
C PHE B 185 9.34 1.18 13.48
N ASP B 186 9.80 -0.05 13.70
CA ASP B 186 10.70 -0.32 14.82
C ASP B 186 12.01 0.44 14.66
N SER B 187 12.61 0.37 13.47
CA SER B 187 13.78 1.20 13.16
C SER B 187 13.50 2.66 13.50
N LEU B 188 12.43 3.22 12.91
CA LEU B 188 12.05 4.60 13.17
C LEU B 188 12.12 4.95 14.65
N VAL B 189 11.42 4.17 15.49
CA VAL B 189 11.37 4.46 16.92
C VAL B 189 12.75 4.27 17.56
N LYS B 190 13.50 3.26 17.11
CA LYS B 190 14.79 2.96 17.72
C LYS B 190 15.87 3.96 17.33
N GLN B 191 15.79 4.53 16.13
CA GLN B 191 16.81 5.45 15.66
C GLN B 191 16.52 6.91 15.97
N THR B 192 15.30 7.24 16.42
CA THR B 192 14.93 8.63 16.63
C THR B 192 14.16 8.71 17.94
N HIS B 193 13.63 9.90 18.23
CA HIS B 193 12.81 10.11 19.40
C HIS B 193 11.33 10.25 19.04
N VAL B 194 10.95 9.78 17.86
CA VAL B 194 9.52 9.68 17.52
C VAL B 194 8.83 8.71 18.48
N PRO B 195 7.71 9.07 19.08
CA PRO B 195 7.08 8.17 20.04
C PRO B 195 6.47 6.95 19.35
N ASN B 196 6.33 5.87 20.13
CA ASN B 196 5.95 4.57 19.57
C ASN B 196 4.43 4.51 19.36
N LEU B 197 3.98 5.19 18.32
CA LEU B 197 2.56 5.41 18.10
C LEU B 197 2.37 6.03 16.74
N PHE B 198 1.26 5.69 16.10
CA PHE B 198 0.85 6.33 14.85
C PHE B 198 -0.63 6.13 14.70
N SER B 199 -1.29 7.05 14.02
CA SER B 199 -2.73 6.97 13.82
C SER B 199 -3.04 7.15 12.35
N LEU B 200 -4.16 6.54 11.92
CA LEU B 200 -4.61 6.60 10.54
C LEU B 200 -6.03 7.15 10.48
N GLN B 201 -6.27 8.02 9.51
CA GLN B 201 -7.60 8.55 9.20
C GLN B 201 -7.78 8.38 7.69
N LEU B 202 -8.58 7.39 7.31
CA LEU B 202 -8.79 7.06 5.90
C LEU B 202 -10.14 7.63 5.46
N CYS B 203 -10.13 8.48 4.44
CA CYS B 203 -11.34 9.08 3.90
C CYS B 203 -11.68 8.48 2.54
N GLY B 204 -12.96 8.55 2.17
CA GLY B 204 -13.39 7.94 0.93
C GLY B 204 -14.45 8.68 0.12
N ALA B 205 -14.75 9.92 0.50
CA ALA B 205 -15.71 10.75 -0.25
C ALA B 205 -15.93 12.10 0.43
N ALA B 216 -11.81 9.71 -8.81
CA ALA B 216 -12.25 9.03 -7.59
C ALA B 216 -11.14 8.98 -6.54
N SER B 217 -10.34 10.04 -6.50
CA SER B 217 -9.20 10.08 -5.58
C SER B 217 -9.68 10.06 -4.14
N VAL B 218 -8.94 9.32 -3.31
CA VAL B 218 -9.20 9.26 -1.88
C VAL B 218 -7.97 9.81 -1.16
N GLY B 219 -8.16 10.10 0.13
CA GLY B 219 -7.09 10.68 0.91
C GLY B 219 -7.22 10.30 2.36
N GLY B 220 -6.21 10.70 3.12
CA GLY B 220 -6.16 10.38 4.53
C GLY B 220 -4.89 10.93 5.13
N SER B 221 -4.75 10.70 6.44
CA SER B 221 -3.59 11.16 7.17
C SER B 221 -3.00 9.98 7.90
N MET B 222 -1.68 9.97 7.98
CA MET B 222 -0.92 9.05 8.82
C MET B 222 -0.10 9.91 9.76
N ILE B 223 -0.58 10.08 10.99
CA ILE B 223 0.16 10.84 12.00
C ILE B 223 1.21 9.91 12.61
N ILE B 224 2.47 10.07 12.20
CA ILE B 224 3.55 9.27 12.79
C ILE B 224 3.95 9.91 14.10
N GLY B 225 3.85 9.14 15.18
CA GLY B 225 4.35 9.58 16.45
C GLY B 225 3.37 10.30 17.33
N GLY B 226 2.10 10.38 16.96
CA GLY B 226 1.16 11.08 17.81
C GLY B 226 -0.27 11.00 17.35
N ILE B 227 -1.09 11.90 17.91
CA ILE B 227 -2.53 11.96 17.68
C ILE B 227 -2.92 13.38 17.34
N ASP B 228 -3.67 13.57 16.24
CA ASP B 228 -4.11 14.89 15.80
C ASP B 228 -5.59 15.08 16.14
N HIS B 229 -5.88 16.05 17.01
CA HIS B 229 -7.24 16.17 17.53
C HIS B 229 -8.23 16.68 16.48
N SER B 230 -7.73 17.45 15.51
CA SER B 230 -8.63 17.96 14.48
C SER B 230 -9.11 16.88 13.54
N LEU B 231 -8.63 15.65 13.74
CA LEU B 231 -8.97 14.53 12.87
C LEU B 231 -10.11 13.68 13.42
N TYR B 232 -10.54 13.94 14.66
CA TYR B 232 -11.63 13.16 15.22
C TYR B 232 -12.46 14.02 16.14
N THR B 233 -13.74 13.69 16.20
CA THR B 233 -14.67 14.24 17.17
C THR B 233 -14.97 13.16 18.21
N GLY B 234 -15.55 13.59 19.32
CA GLY B 234 -15.85 12.59 20.31
C GLY B 234 -14.62 12.12 21.07
N SER B 235 -14.77 11.01 21.76
CA SER B 235 -13.71 10.46 22.57
C SER B 235 -13.14 9.20 21.92
N LEU B 236 -11.85 8.98 22.16
CA LEU B 236 -11.20 7.74 21.73
C LEU B 236 -11.55 6.59 22.67
N TRP B 237 -11.85 5.43 22.09
CA TRP B 237 -12.11 4.23 22.88
C TRP B 237 -11.08 3.18 22.51
N TYR B 238 -10.42 2.60 23.50
CA TYR B 238 -9.29 1.74 23.26
C TYR B 238 -9.65 0.27 23.46
N THR B 239 -9.05 -0.57 22.63
CA THR B 239 -9.15 -2.01 22.74
C THR B 239 -7.74 -2.56 22.86
N PRO B 240 -7.49 -3.49 23.76
CA PRO B 240 -6.13 -4.00 23.91
C PRO B 240 -5.67 -4.74 22.66
N ILE B 241 -4.43 -4.48 22.26
CA ILE B 241 -3.80 -5.38 21.28
C ILE B 241 -3.60 -6.72 21.96
N ARG B 242 -4.23 -7.75 21.43
CA ARG B 242 -4.15 -9.05 22.07
C ARG B 242 -2.73 -9.58 22.06
N ARG B 243 -2.00 -9.36 20.98
CA ARG B 243 -0.67 -9.95 20.81
C ARG B 243 0.01 -9.21 19.67
N GLU B 244 1.27 -8.84 19.89
CA GLU B 244 2.00 -8.04 18.92
C GLU B 244 2.56 -8.95 17.82
N TRP B 245 1.70 -9.21 16.83
CA TRP B 245 2.14 -9.77 15.56
C TRP B 245 1.42 -9.01 14.46
N TYR B 246 0.25 -9.49 14.02
CA TYR B 246 -0.71 -8.54 13.46
C TYR B 246 -1.20 -7.60 14.57
N TYR B 247 -1.90 -6.54 14.18
CA TYR B 247 -2.61 -5.72 15.16
C TYR B 247 -3.87 -6.52 15.50
N GLU B 248 -3.74 -7.37 16.51
CA GLU B 248 -4.76 -8.35 16.85
C GLU B 248 -5.64 -7.80 17.96
N VAL B 249 -6.95 -7.80 17.71
CA VAL B 249 -7.93 -7.37 18.68
C VAL B 249 -8.96 -8.49 18.85
N ILE B 250 -9.83 -8.32 19.84
CA ILE B 250 -10.84 -9.33 20.17
C ILE B 250 -12.19 -8.67 20.05
N ILE B 251 -12.97 -9.11 19.07
CA ILE B 251 -14.38 -8.75 18.96
C ILE B 251 -15.17 -9.61 19.95
N VAL B 252 -16.02 -8.98 20.77
CA VAL B 252 -16.73 -9.70 21.81
C VAL B 252 -18.21 -9.85 21.52
N ARG B 253 -18.78 -9.09 20.59
CA ARG B 253 -20.19 -9.22 20.23
C ARG B 253 -20.40 -8.50 18.92
N VAL B 254 -21.33 -9.01 18.12
CA VAL B 254 -21.67 -8.40 16.83
C VAL B 254 -23.16 -8.10 16.77
N GLU B 255 -23.50 -6.94 16.23
CA GLU B 255 -24.89 -6.56 16.03
C GLU B 255 -25.08 -5.99 14.64
N ILE B 256 -26.20 -6.36 14.02
CA ILE B 256 -26.61 -5.85 12.73
C ILE B 256 -28.02 -5.30 12.89
N ASN B 257 -28.18 -4.00 12.67
CA ASN B 257 -29.48 -3.36 12.83
C ASN B 257 -29.99 -3.49 14.27
N GLY B 258 -29.08 -3.55 15.23
CA GLY B 258 -29.45 -3.64 16.62
C GLY B 258 -29.72 -5.03 17.14
N GLN B 259 -29.50 -6.06 16.33
CA GLN B 259 -29.84 -7.43 16.71
C GLN B 259 -28.59 -8.31 16.70
N ASP B 260 -28.24 -8.82 17.88
CA ASP B 260 -27.10 -9.72 18.05
C ASP B 260 -27.19 -10.87 17.05
N LEU B 261 -26.02 -11.29 16.55
CA LEU B 261 -25.93 -12.46 15.69
C LEU B 261 -26.00 -13.76 16.46
N LYS B 262 -26.22 -13.70 17.77
CA LYS B 262 -26.32 -14.89 18.63
C LYS B 262 -25.36 -15.98 18.17
N MET B 263 -24.08 -15.64 18.10
CA MET B 263 -23.04 -16.61 17.81
C MET B 263 -22.13 -16.74 19.02
N ASP B 264 -21.41 -17.86 19.10
CA ASP B 264 -20.38 -17.99 20.12
C ASP B 264 -19.33 -16.91 19.88
N CYS B 265 -18.91 -16.27 20.96
CA CYS B 265 -18.00 -15.13 20.85
C CYS B 265 -16.76 -15.50 20.04
N LYS B 266 -16.24 -16.71 20.24
CA LYS B 266 -15.04 -17.15 19.54
C LYS B 266 -15.25 -17.17 18.03
N GLU B 267 -16.44 -17.53 17.58
CA GLU B 267 -16.72 -17.53 16.15
C GLU B 267 -16.34 -16.20 15.51
N TYR B 268 -16.36 -15.11 16.28
CA TYR B 268 -16.07 -13.77 15.75
C TYR B 268 -14.59 -13.57 15.49
N ASN B 269 -13.76 -14.10 16.37
CA ASN B 269 -12.32 -14.01 16.23
C ASN B 269 -11.71 -15.34 15.82
N TYR B 270 -12.48 -16.16 15.10
CA TYR B 270 -12.06 -17.52 14.77
C TYR B 270 -10.80 -17.45 13.94
N ASP B 271 -9.70 -17.96 14.52
CA ASP B 271 -8.34 -17.78 14.03
C ASP B 271 -7.79 -16.49 14.65
N LYS B 272 -8.20 -15.35 14.11
CA LYS B 272 -7.76 -14.07 14.64
C LYS B 272 -8.70 -12.99 14.14
N SER B 273 -8.62 -11.84 14.80
CA SER B 273 -9.20 -10.60 14.31
C SER B 273 -8.07 -9.58 14.25
N ILE B 274 -7.97 -8.88 13.12
CA ILE B 274 -6.87 -7.94 12.92
C ILE B 274 -7.37 -6.71 12.19
N VAL B 275 -6.67 -5.60 12.44
CA VAL B 275 -6.91 -4.30 11.81
C VAL B 275 -5.88 -4.13 10.71
N ASP B 276 -6.33 -3.88 9.49
CA ASP B 276 -5.43 -3.93 8.34
C ASP B 276 -5.88 -2.89 7.31
N SER B 277 -5.13 -1.79 7.24
CA SER B 277 -5.35 -0.74 6.25
C SER B 277 -5.07 -1.20 4.82
N GLY B 278 -4.42 -2.36 4.64
CA GLY B 278 -4.09 -2.90 3.34
C GLY B 278 -5.15 -3.79 2.75
N THR B 279 -6.16 -4.13 3.52
CA THR B 279 -7.32 -4.84 3.02
C THR B 279 -8.43 -3.82 2.79
N THR B 280 -9.08 -3.88 1.63
CA THR B 280 -10.12 -2.91 1.34
C THR B 280 -11.42 -3.25 2.08
N ASN B 281 -11.71 -4.53 2.27
CA ASN B 281 -12.99 -5.00 2.75
C ASN B 281 -12.97 -5.28 4.26
N LEU B 282 -14.17 -5.43 4.82
CA LEU B 282 -14.36 -6.09 6.09
C LEU B 282 -14.60 -7.55 5.80
N ARG B 283 -13.68 -8.41 6.20
CA ARG B 283 -13.73 -9.82 5.89
C ARG B 283 -13.93 -10.60 7.19
N LEU B 284 -14.92 -11.47 7.21
CA LEU B 284 -15.29 -12.21 8.39
C LEU B 284 -15.15 -13.70 8.13
N PRO B 285 -15.02 -14.52 9.18
CA PRO B 285 -15.10 -15.97 8.98
C PRO B 285 -16.41 -16.38 8.33
N LYS B 286 -16.47 -17.63 7.83
CA LYS B 286 -17.62 -18.07 7.04
C LYS B 286 -18.91 -17.95 7.85
N LYS B 287 -19.02 -18.69 8.96
CA LYS B 287 -20.23 -18.63 9.77
C LYS B 287 -20.64 -17.19 10.02
N VAL B 288 -19.74 -16.40 10.59
CA VAL B 288 -20.03 -14.99 10.81
C VAL B 288 -20.45 -14.32 9.50
N PHE B 289 -19.76 -14.68 8.40
CA PHE B 289 -20.11 -14.10 7.10
C PHE B 289 -21.50 -14.52 6.68
N GLU B 290 -21.79 -15.82 6.75
CA GLU B 290 -23.14 -16.29 6.42
C GLU B 290 -24.18 -15.54 7.26
N ALA B 291 -24.06 -15.67 8.58
CA ALA B 291 -24.96 -14.98 9.49
C ALA B 291 -25.19 -13.53 9.08
N ALA B 292 -24.10 -12.78 8.86
CA ALA B 292 -24.22 -11.34 8.63
C ALA B 292 -25.03 -11.05 7.38
N VAL B 293 -24.74 -11.76 6.29
CA VAL B 293 -25.46 -11.51 5.04
C VAL B 293 -26.95 -11.80 5.22
N LYS B 294 -27.27 -12.98 5.76
CA LYS B 294 -28.64 -13.31 6.12
C LYS B 294 -29.31 -12.14 6.84
N SER B 295 -28.71 -11.71 7.95
CA SER B 295 -29.25 -10.61 8.72
C SER B 295 -29.38 -9.36 7.85
N ILE B 296 -28.40 -9.10 6.99
CA ILE B 296 -28.39 -7.84 6.25
C ILE B 296 -29.44 -7.86 5.14
N LYS B 297 -29.47 -8.94 4.35
CA LYS B 297 -30.44 -9.02 3.27
C LYS B 297 -31.86 -8.93 3.83
N ALA B 298 -32.17 -9.71 4.86
CA ALA B 298 -33.47 -9.63 5.51
C ALA B 298 -33.74 -8.21 6.02
N ALA B 299 -32.80 -7.66 6.79
CA ALA B 299 -32.98 -6.31 7.35
C ALA B 299 -33.26 -5.29 6.25
N SER B 300 -32.91 -5.58 5.00
CA SER B 300 -33.30 -4.75 3.87
C SER B 300 -33.98 -5.62 2.82
N SER B 301 -35.03 -6.34 3.22
CA SER B 301 -35.61 -7.38 2.39
C SER B 301 -36.30 -6.82 1.15
N THR B 302 -36.78 -5.59 1.20
CA THR B 302 -37.71 -5.10 0.18
C THR B 302 -37.11 -5.20 -1.22
N GLU B 303 -35.89 -4.68 -1.42
CA GLU B 303 -35.28 -4.64 -2.74
C GLU B 303 -34.47 -5.92 -2.97
N LYS B 304 -34.88 -6.69 -3.99
CA LYS B 304 -34.18 -7.91 -4.35
C LYS B 304 -32.76 -7.60 -4.83
N PHE B 305 -31.84 -8.54 -4.56
CA PHE B 305 -30.45 -8.38 -4.94
C PHE B 305 -29.92 -9.68 -5.54
N PRO B 306 -29.23 -9.62 -6.69
CA PRO B 306 -28.59 -10.81 -7.23
C PRO B 306 -27.77 -11.52 -6.15
N ASP B 307 -27.84 -12.85 -6.16
CA ASP B 307 -27.03 -13.62 -5.22
C ASP B 307 -25.54 -13.26 -5.36
N GLY B 308 -25.08 -13.05 -6.60
CA GLY B 308 -23.69 -12.70 -6.82
C GLY B 308 -23.30 -11.34 -6.27
N PHE B 309 -24.27 -10.47 -5.99
CA PHE B 309 -23.96 -9.18 -5.37
C PHE B 309 -23.39 -9.39 -3.97
N TRP B 310 -23.95 -10.32 -3.21
CA TRP B 310 -23.44 -10.59 -1.87
C TRP B 310 -22.02 -11.12 -1.91
N LEU B 311 -21.67 -11.88 -2.96
CA LEU B 311 -20.29 -12.29 -3.16
C LEU B 311 -19.45 -11.22 -3.83
N GLY B 312 -19.98 -10.02 -4.04
CA GLY B 312 -19.21 -8.96 -4.66
C GLY B 312 -18.90 -9.17 -6.12
N GLU B 313 -19.56 -10.12 -6.79
CA GLU B 313 -19.32 -10.34 -8.20
C GLU B 313 -19.97 -9.27 -9.06
N GLN B 314 -21.09 -8.71 -8.61
CA GLN B 314 -21.90 -7.80 -9.41
C GLN B 314 -22.09 -6.48 -8.67
N LEU B 315 -22.43 -5.45 -9.44
CA LEU B 315 -22.67 -4.14 -8.87
C LEU B 315 -24.15 -3.97 -8.50
N VAL B 316 -24.49 -2.76 -8.08
CA VAL B 316 -25.85 -2.33 -7.85
C VAL B 316 -25.91 -0.87 -8.24
N CYS B 317 -27.02 -0.45 -8.82
CA CYS B 317 -27.07 0.87 -9.41
C CYS B 317 -28.34 1.61 -8.99
N TRP B 318 -28.24 2.93 -9.10
CA TRP B 318 -29.29 3.91 -8.85
C TRP B 318 -28.84 5.20 -9.51
N GLN B 319 -29.80 5.99 -9.99
CA GLN B 319 -29.43 7.30 -10.52
C GLN B 319 -28.77 8.11 -9.43
N ALA B 320 -28.24 9.28 -9.77
CA ALA B 320 -27.65 10.16 -8.76
C ALA B 320 -28.67 10.45 -7.66
N GLY B 321 -28.31 10.14 -6.42
CA GLY B 321 -29.18 10.40 -5.31
C GLY B 321 -30.35 9.45 -5.17
N THR B 322 -30.61 8.60 -6.16
CA THR B 322 -31.59 7.53 -6.03
C THR B 322 -31.37 6.66 -4.79
N THR B 323 -30.15 6.54 -4.26
CA THR B 323 -29.79 5.42 -3.37
C THR B 323 -30.72 5.30 -2.16
N PRO B 324 -31.29 4.09 -1.89
CA PRO B 324 -31.92 3.84 -0.58
C PRO B 324 -30.90 3.47 0.50
N TRP B 325 -30.61 4.40 1.42
CA TRP B 325 -29.71 4.08 2.50
C TRP B 325 -30.45 3.39 3.65
N ASN B 326 -31.45 4.07 4.24
CA ASN B 326 -32.25 3.52 5.33
C ASN B 326 -32.67 2.07 5.12
N ILE B 327 -32.77 1.64 3.86
CA ILE B 327 -33.05 0.23 3.58
C ILE B 327 -32.10 -0.68 4.33
N PHE B 328 -30.71 -0.24 4.53
CA PHE B 328 -29.63 -1.13 4.95
C PHE B 328 -29.29 -0.97 6.43
N PRO B 329 -29.09 -2.10 7.11
CA PRO B 329 -28.73 -2.05 8.53
C PRO B 329 -27.37 -1.41 8.75
N VAL B 330 -27.09 -1.14 10.02
CA VAL B 330 -25.79 -0.66 10.45
C VAL B 330 -25.15 -1.77 11.28
N ILE B 331 -23.90 -2.13 10.94
CA ILE B 331 -23.20 -3.15 11.70
C ILE B 331 -22.52 -2.50 12.89
N SER B 332 -22.59 -3.18 14.02
CA SER B 332 -21.91 -2.76 15.23
C SER B 332 -21.04 -3.91 15.70
N LEU B 333 -19.75 -3.63 15.83
CA LEU B 333 -18.79 -4.57 16.39
C LEU B 333 -18.44 -4.10 17.79
N TYR B 334 -18.63 -4.96 18.79
CA TYR B 334 -18.22 -4.65 20.15
C TYR B 334 -16.83 -5.20 20.39
N LEU B 335 -15.94 -4.34 20.89
CA LEU B 335 -14.54 -4.68 21.09
C LEU B 335 -14.22 -4.74 22.58
N MET B 336 -13.26 -5.58 22.92
CA MET B 336 -12.83 -5.65 24.30
C MET B 336 -12.37 -4.28 24.78
N GLY B 337 -12.77 -3.91 26.00
CA GLY B 337 -12.45 -2.62 26.56
C GLY B 337 -11.19 -2.63 27.40
N GLU B 338 -10.99 -1.52 28.11
CA GLU B 338 -9.78 -1.33 28.89
C GLU B 338 -9.91 -1.73 30.34
N VAL B 339 -11.12 -1.74 30.90
CA VAL B 339 -11.33 -2.12 32.28
C VAL B 339 -12.18 -3.38 32.34
N THR B 340 -12.30 -3.95 33.54
CA THR B 340 -12.95 -5.24 33.73
C THR B 340 -14.37 -5.26 33.19
N ASN B 341 -14.68 -6.30 32.44
CA ASN B 341 -16.04 -6.51 31.91
C ASN B 341 -16.52 -5.34 31.06
N GLN B 342 -15.63 -4.47 30.62
CA GLN B 342 -16.03 -3.27 29.90
C GLN B 342 -15.76 -3.44 28.41
N SER B 343 -16.77 -3.20 27.60
CA SER B 343 -16.62 -3.25 26.16
C SER B 343 -17.06 -1.92 25.58
N PHE B 344 -16.79 -1.75 24.28
CA PHE B 344 -17.32 -0.65 23.51
C PHE B 344 -17.57 -1.16 22.10
N ARG B 345 -18.29 -0.37 21.32
CA ARG B 345 -18.69 -0.77 19.98
C ARG B 345 -18.41 0.35 18.98
N ILE B 346 -18.01 -0.05 17.79
CA ILE B 346 -18.01 0.83 16.62
C ILE B 346 -19.18 0.42 15.78
N THR B 347 -19.92 1.41 15.26
CA THR B 347 -21.05 1.15 14.37
C THR B 347 -20.73 1.78 13.02
N ILE B 348 -20.81 0.96 11.97
CA ILE B 348 -20.48 1.39 10.62
C ILE B 348 -21.76 1.46 9.80
N LEU B 349 -21.84 2.45 8.91
CA LEU B 349 -23.04 2.72 8.15
C LEU B 349 -23.01 2.00 6.81
N PRO B 350 -24.15 1.94 6.12
CA PRO B 350 -24.15 1.35 4.77
C PRO B 350 -23.24 2.11 3.84
N GLN B 351 -23.12 3.43 4.05
CA GLN B 351 -22.13 4.22 3.33
C GLN B 351 -20.74 3.58 3.38
N GLN B 352 -20.46 2.85 4.46
CA GLN B 352 -19.15 2.23 4.60
C GLN B 352 -19.05 0.93 3.82
N TYR B 353 -19.92 -0.04 4.12
CA TYR B 353 -19.77 -1.38 3.56
C TYR B 353 -20.42 -1.52 2.19
N LEU B 354 -20.95 -0.44 1.62
CA LEU B 354 -21.31 -0.37 0.20
C LEU B 354 -20.29 0.55 -0.45
N ARG B 355 -19.24 -0.03 -1.03
CA ARG B 355 -18.17 0.79 -1.57
C ARG B 355 -18.58 1.34 -2.94
N PRO B 356 -18.50 2.63 -3.16
CA PRO B 356 -18.83 3.17 -4.48
C PRO B 356 -17.77 2.80 -5.49
N VAL B 357 -18.22 2.44 -6.70
CA VAL B 357 -17.33 2.16 -7.81
C VAL B 357 -17.41 3.33 -8.77
N GLU B 358 -16.25 3.90 -9.12
CA GLU B 358 -16.14 4.96 -10.12
C GLU B 358 -16.83 4.50 -11.41
N ASP B 359 -17.17 3.22 -11.46
CA ASP B 359 -17.73 2.59 -12.64
C ASP B 359 -16.70 2.60 -13.74
N VAL B 360 -16.97 3.40 -14.77
CA VAL B 360 -16.11 3.45 -15.94
C VAL B 360 -15.92 2.02 -16.44
N ALA B 361 -16.93 1.46 -17.11
CA ALA B 361 -18.07 2.20 -17.67
C ALA B 361 -19.22 2.49 -16.71
N THR B 362 -19.67 3.75 -16.72
CA THR B 362 -20.84 4.19 -15.97
C THR B 362 -21.80 4.87 -16.92
N SER B 363 -23.00 5.18 -16.44
CA SER B 363 -24.03 5.80 -17.27
C SER B 363 -24.92 6.70 -16.39
N GLN B 364 -24.30 7.57 -15.60
CA GLN B 364 -25.02 8.60 -14.88
C GLN B 364 -25.77 8.07 -13.66
N ASP B 365 -25.25 7.02 -13.04
CA ASP B 365 -25.86 6.45 -11.84
C ASP B 365 -24.85 6.46 -10.71
N ASP B 366 -25.33 6.11 -9.52
CA ASP B 366 -24.48 5.84 -8.37
C ASP B 366 -24.57 4.34 -8.06
N CYS B 367 -23.46 3.63 -8.27
CA CYS B 367 -23.44 2.18 -8.18
C CYS B 367 -22.36 1.73 -7.21
N TYR B 368 -22.65 0.66 -6.47
CA TYR B 368 -21.80 0.22 -5.37
C TYR B 368 -21.60 -1.29 -5.44
N LYS B 369 -20.63 -1.76 -4.64
CA LYS B 369 -20.31 -3.18 -4.51
C LYS B 369 -20.29 -3.57 -3.03
N PHE B 370 -20.64 -4.81 -2.75
CA PHE B 370 -20.72 -5.30 -1.38
C PHE B 370 -19.32 -5.47 -0.82
N ALA B 371 -18.99 -4.70 0.22
CA ALA B 371 -17.63 -4.64 0.75
C ALA B 371 -17.40 -5.60 1.92
N ILE B 372 -18.25 -6.59 2.11
CA ILE B 372 -18.09 -7.56 3.19
C ILE B 372 -17.83 -8.92 2.55
N SER B 373 -16.63 -9.46 2.80
CA SER B 373 -16.13 -10.64 2.11
C SER B 373 -15.98 -11.80 3.08
N GLN B 374 -16.06 -13.00 2.54
CA GLN B 374 -15.78 -14.19 3.34
C GLN B 374 -14.28 -14.33 3.56
N SER B 375 -13.91 -15.07 4.61
CA SER B 375 -12.52 -15.18 4.97
C SER B 375 -12.28 -16.53 5.62
N SER B 376 -11.16 -17.15 5.27
CA SER B 376 -10.72 -18.39 5.89
C SER B 376 -9.60 -18.16 6.90
N THR B 377 -9.19 -16.91 7.12
CA THR B 377 -8.03 -16.60 7.96
C THR B 377 -8.37 -15.69 9.13
N GLY B 378 -9.65 -15.51 9.46
CA GLY B 378 -10.08 -14.68 10.56
C GLY B 378 -10.76 -13.42 10.06
N THR B 379 -11.18 -12.59 11.03
CA THR B 379 -11.78 -11.30 10.69
C THR B 379 -10.69 -10.32 10.32
N VAL B 380 -10.98 -9.46 9.35
CA VAL B 380 -10.07 -8.40 8.96
C VAL B 380 -10.88 -7.12 8.86
N MET B 381 -10.55 -6.14 9.70
CA MET B 381 -11.22 -4.85 9.66
C MET B 381 -10.43 -3.97 8.71
N GLY B 382 -10.85 -3.95 7.45
CA GLY B 382 -10.13 -3.22 6.42
C GLY B 382 -10.61 -1.79 6.25
N ALA B 383 -10.29 -1.23 5.09
CA ALA B 383 -10.63 0.17 4.82
C ALA B 383 -12.10 0.42 5.00
N VAL B 384 -12.95 -0.58 4.75
CA VAL B 384 -14.38 -0.42 4.98
C VAL B 384 -14.63 -0.04 6.43
N ILE B 385 -14.10 -0.84 7.37
CA ILE B 385 -14.29 -0.54 8.78
C ILE B 385 -13.52 0.73 9.16
N MET B 386 -12.28 0.83 8.71
CA MET B 386 -11.40 1.89 9.20
C MET B 386 -11.82 3.28 8.73
N GLU B 387 -12.54 3.37 7.61
CA GLU B 387 -12.81 4.67 7.02
C GLU B 387 -13.76 5.50 7.88
N GLY B 388 -14.68 4.86 8.58
CA GLY B 388 -15.57 5.60 9.45
C GLY B 388 -14.83 6.29 10.59
N PHE B 389 -13.64 5.82 10.93
CA PHE B 389 -13.06 6.13 12.23
C PHE B 389 -11.63 6.64 12.10
N TYR B 390 -11.20 7.29 13.16
CA TYR B 390 -9.81 7.66 13.38
C TYR B 390 -9.22 6.58 14.27
N VAL B 391 -8.18 5.92 13.79
CA VAL B 391 -7.68 4.68 14.38
C VAL B 391 -6.27 4.91 14.89
N VAL B 392 -6.04 4.61 16.16
CA VAL B 392 -4.81 4.94 16.85
C VAL B 392 -4.07 3.65 17.19
N PHE B 393 -2.93 3.42 16.54
CA PHE B 393 -2.06 2.29 16.82
C PHE B 393 -1.11 2.72 17.92
N ASP B 394 -1.57 2.55 19.16
CA ASP B 394 -0.80 2.89 20.35
C ASP B 394 0.10 1.70 20.71
N ARG B 395 1.15 1.52 19.92
CA ARG B 395 2.10 0.46 20.19
C ARG B 395 2.68 0.57 21.59
N ALA B 396 2.86 1.80 22.09
CA ALA B 396 3.52 1.99 23.38
C ALA B 396 2.67 1.45 24.52
N ARG B 397 1.35 1.57 24.43
CA ARG B 397 0.48 1.05 25.46
C ARG B 397 -0.32 -0.16 24.98
N LYS B 398 0.13 -0.76 23.87
CA LYS B 398 -0.39 -2.05 23.41
C LYS B 398 -1.92 -2.01 23.24
N ARG B 399 -2.41 -0.95 22.61
CA ARG B 399 -3.85 -0.76 22.46
C ARG B 399 -4.11 -0.04 21.16
N ILE B 400 -5.35 -0.16 20.69
CA ILE B 400 -5.81 0.43 19.45
C ILE B 400 -7.01 1.31 19.77
N GLY B 401 -6.95 2.57 19.37
CA GLY B 401 -8.01 3.53 19.66
C GLY B 401 -8.90 3.79 18.46
N PHE B 402 -10.18 4.04 18.75
CA PHE B 402 -11.19 4.37 17.75
C PHE B 402 -11.95 5.60 18.17
N ALA B 403 -12.11 6.54 17.25
CA ALA B 403 -13.06 7.63 17.41
C ALA B 403 -13.72 7.86 16.06
N VAL B 404 -14.87 8.52 16.06
CA VAL B 404 -15.52 8.80 14.79
C VAL B 404 -14.70 9.84 14.05
N SER B 405 -14.42 9.57 12.78
CA SER B 405 -13.52 10.41 12.00
C SER B 405 -14.19 11.72 11.58
N ALA B 406 -13.40 12.80 11.57
CA ALA B 406 -13.87 14.07 11.02
C ALA B 406 -14.21 13.92 9.54
N CYS B 407 -13.36 13.21 8.79
CA CYS B 407 -13.60 12.95 7.37
C CYS B 407 -14.31 11.60 7.22
N HIS B 408 -15.57 11.55 7.63
CA HIS B 408 -16.35 10.34 7.41
C HIS B 408 -17.66 10.69 6.71
N VAL B 409 -17.98 9.89 5.71
CA VAL B 409 -19.18 10.10 4.90
C VAL B 409 -20.40 9.60 5.68
N HIS B 410 -21.41 10.46 5.78
CA HIS B 410 -22.65 10.14 6.48
C HIS B 410 -23.77 10.96 5.87
N ASP B 411 -24.99 10.58 6.19
CA ASP B 411 -26.20 11.27 5.75
C ASP B 411 -26.67 12.25 6.82
N GLU B 412 -27.93 12.66 6.74
CA GLU B 412 -28.54 13.58 7.69
C GLU B 412 -29.29 12.88 8.81
N PHE B 413 -29.26 11.55 8.82
CA PHE B 413 -29.99 10.74 9.78
C PHE B 413 -29.07 9.89 10.66
N ARG B 414 -28.21 9.08 10.05
CA ARG B 414 -27.33 8.18 10.79
C ARG B 414 -25.88 8.59 10.59
N THR B 415 -25.06 8.22 11.57
CA THR B 415 -23.64 8.57 11.58
C THR B 415 -22.89 7.46 12.30
N ALA B 416 -21.70 7.14 11.80
CA ALA B 416 -20.85 6.18 12.49
C ALA B 416 -20.64 6.65 13.93
N ALA B 417 -20.50 5.68 14.84
CA ALA B 417 -20.30 6.00 16.24
C ALA B 417 -19.21 5.12 16.83
N VAL B 418 -18.59 5.64 17.88
CA VAL B 418 -17.87 4.85 18.87
C VAL B 418 -18.51 5.19 20.19
N GLU B 419 -19.05 4.17 20.87
CA GLU B 419 -19.89 4.40 22.03
C GLU B 419 -19.55 3.42 23.13
N GLY B 420 -19.43 3.93 24.36
CA GLY B 420 -19.22 3.09 25.53
C GLY B 420 -19.67 3.82 26.78
N PRO B 421 -19.45 3.22 27.95
CA PRO B 421 -19.03 1.82 28.11
C PRO B 421 -20.22 0.87 27.97
N PHE B 422 -19.91 -0.39 27.68
CA PHE B 422 -20.89 -1.46 27.75
C PHE B 422 -20.29 -2.54 28.64
N VAL B 423 -21.14 -3.43 29.12
CA VAL B 423 -20.73 -4.53 29.97
C VAL B 423 -20.78 -5.80 29.16
N THR B 424 -19.67 -6.53 29.17
CA THR B 424 -19.53 -7.82 28.52
C THR B 424 -18.82 -8.74 29.50
N LEU B 425 -19.35 -9.93 29.70
CA LEU B 425 -18.74 -10.92 30.58
C LEU B 425 -17.86 -11.85 29.75
N ASP B 426 -16.73 -12.24 30.32
CA ASP B 426 -15.87 -13.29 29.75
C ASP B 426 -15.22 -12.85 28.45
N MET B 427 -14.75 -11.60 28.38
CA MET B 427 -14.22 -11.13 27.11
C MET B 427 -12.98 -11.92 26.70
N GLU B 428 -12.17 -12.36 27.67
CA GLU B 428 -11.02 -13.18 27.33
C GLU B 428 -11.45 -14.40 26.53
N ASP B 429 -12.52 -15.06 26.96
CA ASP B 429 -13.00 -16.27 26.29
C ASP B 429 -13.31 -16.04 24.83
N CYS B 430 -13.49 -14.79 24.42
CA CYS B 430 -13.84 -14.54 23.03
C CYS B 430 -12.68 -14.79 22.08
N GLY B 431 -11.46 -14.61 22.55
CA GLY B 431 -10.33 -14.83 21.72
C GLY B 431 -10.11 -16.30 21.47
N TYR B 432 -9.74 -16.61 20.22
CA TYR B 432 -9.49 -17.97 19.79
C TYR B 432 -8.12 -18.42 20.29
N ASN B 433 -8.07 -19.62 20.88
CA ASN B 433 -6.83 -20.20 21.36
C ASN B 433 -6.48 -21.40 20.51
N ILE B 434 -5.19 -21.59 20.24
CA ILE B 434 -4.75 -22.69 19.38
C ILE B 434 -3.42 -23.26 19.85
N GLY C 45 8.49 -17.97 -16.82
CA GLY C 45 9.76 -17.40 -16.39
C GLY C 45 9.74 -16.81 -14.98
N SER C 46 8.55 -16.67 -14.41
CA SER C 46 8.38 -16.08 -13.08
C SER C 46 7.85 -17.16 -12.15
N PHE C 47 8.74 -17.68 -11.31
CA PHE C 47 8.45 -18.81 -10.44
C PHE C 47 7.97 -18.37 -9.06
N VAL C 48 7.84 -17.07 -8.83
CA VAL C 48 7.20 -16.59 -7.61
C VAL C 48 5.86 -17.29 -7.41
N GLU C 49 5.13 -17.51 -8.51
CA GLU C 49 3.84 -18.21 -8.45
C GLU C 49 3.98 -19.60 -7.87
N MET C 50 5.17 -20.21 -7.99
CA MET C 50 5.41 -21.57 -7.53
C MET C 50 6.14 -21.64 -6.19
N VAL C 51 6.64 -20.51 -5.69
CA VAL C 51 7.37 -20.53 -4.42
C VAL C 51 6.45 -21.01 -3.30
N ASP C 52 6.93 -21.96 -2.51
CA ASP C 52 6.18 -22.42 -1.34
C ASP C 52 4.93 -23.23 -1.70
N ASN C 53 4.96 -23.95 -2.81
CA ASN C 53 3.82 -24.77 -3.20
C ASN C 53 3.91 -26.21 -2.71
N LEU C 54 4.87 -26.52 -1.84
CA LEU C 54 4.98 -27.82 -1.21
C LEU C 54 4.58 -27.73 0.26
N ARG C 55 3.92 -28.77 0.75
CA ARG C 55 3.58 -28.91 2.16
C ARG C 55 3.87 -30.34 2.58
N GLY C 56 3.81 -30.60 3.87
CA GLY C 56 3.91 -31.97 4.33
C GLY C 56 3.84 -32.04 5.83
N LYS C 57 3.84 -33.28 6.33
CA LYS C 57 4.20 -33.59 7.71
C LYS C 57 5.65 -34.03 7.77
N SER C 58 6.32 -33.76 8.89
CA SER C 58 7.71 -34.20 9.02
C SER C 58 7.81 -35.72 8.86
N GLY C 59 8.82 -36.16 8.11
CA GLY C 59 9.04 -37.58 7.89
C GLY C 59 7.93 -38.28 7.14
N GLN C 60 7.01 -37.49 6.57
CA GLN C 60 5.89 -38.02 5.83
C GLN C 60 5.87 -37.55 4.38
N GLY C 61 6.93 -36.90 3.92
CA GLY C 61 7.04 -36.51 2.53
C GLY C 61 6.55 -35.11 2.25
N TYR C 62 6.84 -34.65 1.05
CA TYR C 62 6.40 -33.35 0.57
C TYR C 62 5.44 -33.56 -0.60
N TYR C 63 4.28 -32.94 -0.53
CA TYR C 63 3.30 -33.08 -1.60
C TYR C 63 2.97 -31.74 -2.23
N VAL C 64 2.77 -31.78 -3.54
CA VAL C 64 2.30 -30.67 -4.33
C VAL C 64 0.84 -30.93 -4.63
N GLU C 65 0.06 -29.87 -4.77
CA GLU C 65 -1.34 -30.02 -5.12
C GLU C 65 -1.50 -30.16 -6.62
N MET C 66 -2.38 -31.06 -7.04
CA MET C 66 -2.61 -31.30 -8.45
C MET C 66 -4.10 -31.52 -8.68
N THR C 67 -4.48 -31.48 -9.96
CA THR C 67 -5.83 -31.84 -10.38
C THR C 67 -5.73 -32.81 -11.54
N VAL C 68 -6.58 -33.84 -11.51
CA VAL C 68 -6.72 -34.76 -12.63
C VAL C 68 -8.16 -34.78 -13.06
N GLY C 69 -8.38 -34.95 -14.36
CA GLY C 69 -9.69 -35.23 -14.88
C GLY C 69 -10.49 -33.97 -15.16
N SER C 70 -11.47 -34.15 -16.03
CA SER C 70 -12.40 -33.10 -16.39
C SER C 70 -13.81 -33.50 -15.95
N PRO C 71 -14.38 -32.74 -15.00
CA PRO C 71 -13.84 -31.58 -14.29
C PRO C 71 -12.70 -31.96 -13.35
N PRO C 72 -11.86 -30.98 -13.00
CA PRO C 72 -10.65 -31.30 -12.27
C PRO C 72 -10.92 -31.76 -10.86
N GLN C 73 -10.22 -32.82 -10.45
CA GLN C 73 -10.27 -33.34 -9.09
C GLN C 73 -8.96 -32.99 -8.40
N THR C 74 -9.05 -32.27 -7.27
CA THR C 74 -7.85 -31.83 -6.56
C THR C 74 -7.32 -32.95 -5.66
N LEU C 75 -6.04 -33.29 -5.84
CA LEU C 75 -5.39 -34.32 -5.06
C LEU C 75 -4.03 -33.82 -4.58
N ASN C 76 -3.66 -34.20 -3.36
CA ASN C 76 -2.32 -33.97 -2.87
C ASN C 76 -1.40 -35.10 -3.35
N ILE C 77 -0.35 -34.74 -4.07
CA ILE C 77 0.53 -35.72 -4.70
C ILE C 77 1.92 -35.58 -4.12
N LEU C 78 2.53 -36.72 -3.76
CA LEU C 78 3.85 -36.73 -3.14
C LEU C 78 4.93 -36.59 -4.20
N VAL C 79 5.92 -35.74 -3.91
CA VAL C 79 7.00 -35.43 -4.83
C VAL C 79 8.11 -36.46 -4.64
N ASP C 80 8.30 -37.34 -5.63
CA ASP C 80 9.25 -38.45 -5.52
C ASP C 80 10.22 -38.42 -6.69
N THR C 81 11.48 -38.09 -6.41
CA THR C 81 12.52 -38.17 -7.40
C THR C 81 13.11 -39.57 -7.53
N GLY C 82 12.60 -40.53 -6.76
CA GLY C 82 13.15 -41.87 -6.74
C GLY C 82 12.26 -42.89 -7.41
N SER C 83 11.31 -42.42 -8.21
CA SER C 83 10.42 -43.25 -9.00
C SER C 83 10.12 -42.52 -10.31
N SER C 84 9.37 -43.18 -11.18
CA SER C 84 8.98 -42.55 -12.43
C SER C 84 7.52 -42.77 -12.74
N ASN C 85 6.74 -43.29 -11.81
CA ASN C 85 5.33 -43.51 -12.02
C ASN C 85 4.52 -42.43 -11.35
N PHE C 86 3.60 -41.83 -12.08
CA PHE C 86 2.57 -40.98 -11.50
C PHE C 86 1.36 -41.84 -11.17
N ALA C 87 0.98 -41.90 -9.90
CA ALA C 87 -0.17 -42.70 -9.49
C ALA C 87 -0.93 -42.00 -8.36
N VAL C 88 -2.19 -42.38 -8.21
CA VAL C 88 -3.07 -41.80 -7.18
C VAL C 88 -4.01 -42.89 -6.70
N GLY C 89 -4.27 -42.90 -5.40
CA GLY C 89 -5.32 -43.76 -4.90
C GLY C 89 -6.58 -43.55 -5.72
N ALA C 90 -7.21 -44.63 -6.15
CA ALA C 90 -8.42 -44.54 -6.96
C ALA C 90 -9.60 -45.21 -6.29
N ALA C 91 -9.41 -45.81 -5.13
CA ALA C 91 -10.43 -46.55 -4.40
C ALA C 91 -10.32 -46.21 -2.93
N PRO C 92 -11.44 -46.25 -2.21
CA PRO C 92 -11.40 -45.92 -0.78
C PRO C 92 -10.36 -46.74 -0.04
N HIS C 93 -9.65 -46.07 0.86
CA HIS C 93 -8.60 -46.67 1.65
C HIS C 93 -8.67 -46.04 3.03
N PRO C 94 -8.47 -46.83 4.08
CA PRO C 94 -8.56 -46.30 5.44
C PRO C 94 -7.83 -44.99 5.66
N PHE C 95 -6.74 -44.76 4.93
CA PHE C 95 -5.88 -43.62 5.17
C PHE C 95 -6.09 -42.48 4.17
N LEU C 96 -7.01 -42.62 3.23
CA LEU C 96 -7.23 -41.60 2.21
C LEU C 96 -8.41 -40.72 2.62
N HIS C 97 -8.19 -39.40 2.64
CA HIS C 97 -9.30 -38.48 2.77
C HIS C 97 -10.13 -38.45 1.50
N ARG C 98 -9.48 -38.35 0.35
CA ARG C 98 -10.11 -38.28 -0.96
C ARG C 98 -9.35 -39.18 -1.92
N TYR C 99 -9.94 -39.40 -3.10
CA TYR C 99 -9.31 -40.29 -4.07
C TYR C 99 -9.84 -39.98 -5.46
N TYR C 100 -9.19 -40.59 -6.45
CA TYR C 100 -9.43 -40.29 -7.86
C TYR C 100 -10.64 -41.09 -8.35
N GLN C 101 -11.61 -40.39 -8.94
CA GLN C 101 -12.82 -41.03 -9.46
C GLN C 101 -12.78 -40.97 -10.97
N ARG C 102 -12.19 -41.99 -11.60
CA ARG C 102 -12.17 -42.06 -13.05
C ARG C 102 -13.57 -41.99 -13.64
N GLN C 103 -14.57 -42.41 -12.87
CA GLN C 103 -15.95 -42.34 -13.35
C GLN C 103 -16.36 -40.91 -13.68
N LEU C 104 -15.83 -39.93 -12.95
CA LEU C 104 -16.30 -38.56 -13.03
C LEU C 104 -15.52 -37.73 -14.03
N SER C 105 -14.68 -38.33 -14.85
CA SER C 105 -13.81 -37.59 -15.75
C SER C 105 -14.22 -37.87 -17.19
N SER C 106 -14.70 -36.84 -17.88
CA SER C 106 -14.95 -36.97 -19.31
C SER C 106 -13.67 -37.32 -20.05
N THR C 107 -12.54 -36.83 -19.56
CA THR C 107 -11.26 -36.97 -20.25
C THR C 107 -10.47 -38.21 -19.84
N TYR C 108 -10.95 -38.98 -18.87
CA TYR C 108 -10.26 -40.22 -18.51
C TYR C 108 -10.27 -41.20 -19.67
N ARG C 109 -9.11 -41.77 -19.97
CA ARG C 109 -8.98 -42.86 -20.92
C ARG C 109 -8.31 -44.03 -20.22
N ASP C 110 -8.80 -45.23 -20.51
CA ASP C 110 -8.28 -46.46 -19.91
C ASP C 110 -7.36 -47.13 -20.92
N LEU C 111 -6.17 -47.53 -20.46
CA LEU C 111 -5.25 -48.31 -21.29
C LEU C 111 -5.48 -49.81 -21.18
N ARG C 112 -6.34 -50.25 -20.26
CA ARG C 112 -6.62 -51.67 -20.06
C ARG C 112 -5.32 -52.45 -19.81
N LYS C 113 -4.61 -52.05 -18.77
CA LYS C 113 -3.36 -52.70 -18.42
C LYS C 113 -3.14 -52.52 -16.93
N GLY C 114 -2.79 -53.61 -16.24
CA GLY C 114 -2.43 -53.52 -14.84
C GLY C 114 -0.98 -53.09 -14.68
N VAL C 115 -0.62 -52.81 -13.43
CA VAL C 115 0.77 -52.47 -13.13
C VAL C 115 0.97 -52.61 -11.64
N TYR C 116 2.19 -52.95 -11.25
CA TYR C 116 2.59 -53.18 -9.86
C TYR C 116 3.87 -52.38 -9.63
N VAL C 117 3.90 -51.61 -8.55
CA VAL C 117 5.09 -50.80 -8.32
C VAL C 117 5.58 -51.00 -6.90
N PRO C 118 6.71 -51.68 -6.70
CA PRO C 118 7.31 -51.80 -5.37
C PRO C 118 8.29 -50.67 -5.08
N TYR C 119 8.42 -50.38 -3.80
CA TYR C 119 9.35 -49.40 -3.29
C TYR C 119 10.19 -50.04 -2.19
N THR C 120 11.26 -49.35 -1.80
CA THR C 120 12.05 -49.83 -0.66
C THR C 120 11.13 -50.29 0.45
N GLN C 121 10.11 -49.48 0.71
CA GLN C 121 9.08 -49.78 1.69
C GLN C 121 7.76 -49.36 1.07
N GLY C 122 6.81 -50.29 1.01
CA GLY C 122 5.50 -50.01 0.47
C GLY C 122 5.35 -50.47 -0.97
N LYS C 123 4.11 -50.76 -1.35
CA LYS C 123 3.83 -51.14 -2.72
C LYS C 123 2.34 -50.96 -3.00
N TRP C 124 2.02 -50.93 -4.28
CA TRP C 124 0.63 -50.77 -4.71
C TRP C 124 0.52 -51.36 -6.10
N GLU C 125 -0.70 -51.71 -6.49
CA GLU C 125 -0.97 -52.05 -7.88
C GLU C 125 -2.18 -51.25 -8.35
N GLY C 126 -2.24 -51.05 -9.66
CA GLY C 126 -3.26 -50.16 -10.19
C GLY C 126 -3.46 -50.33 -11.67
N GLU C 127 -4.27 -49.44 -12.21
CA GLU C 127 -4.80 -49.52 -13.57
C GLU C 127 -4.30 -48.34 -14.37
N LEU C 128 -3.59 -48.61 -15.46
CA LEU C 128 -3.01 -47.55 -16.27
C LEU C 128 -4.09 -46.85 -17.09
N GLY C 129 -3.90 -45.54 -17.25
CA GLY C 129 -4.81 -44.72 -18.03
C GLY C 129 -4.20 -43.36 -18.22
N THR C 130 -4.87 -42.54 -19.02
CA THR C 130 -4.44 -41.18 -19.23
C THR C 130 -5.57 -40.23 -18.86
N ASP C 131 -5.21 -38.97 -18.66
CA ASP C 131 -6.19 -37.95 -18.32
C ASP C 131 -5.46 -36.62 -18.26
N LEU C 132 -6.22 -35.53 -18.28
CA LEU C 132 -5.63 -34.20 -18.24
C LEU C 132 -5.20 -33.87 -16.81
N VAL C 133 -4.00 -33.33 -16.68
CA VAL C 133 -3.42 -33.01 -15.39
C VAL C 133 -2.97 -31.54 -15.40
N SER C 134 -3.04 -30.92 -14.23
CA SER C 134 -2.53 -29.56 -14.05
C SER C 134 -2.02 -29.40 -12.61
N ILE C 135 -1.17 -28.40 -12.44
CA ILE C 135 -0.60 -28.05 -11.14
C ILE C 135 -1.03 -26.62 -10.81
N PRO C 136 -1.98 -26.43 -9.91
CA PRO C 136 -2.45 -25.07 -9.60
C PRO C 136 -1.33 -24.08 -9.33
N HIS C 137 -0.40 -24.42 -8.44
CA HIS C 137 0.76 -23.58 -8.14
C HIS C 137 2.01 -24.02 -8.90
N GLY C 138 1.82 -24.45 -10.15
CA GLY C 138 2.90 -24.70 -11.05
C GLY C 138 2.68 -23.85 -12.28
N PRO C 139 3.17 -24.30 -13.44
CA PRO C 139 2.94 -23.56 -14.68
C PRO C 139 1.47 -23.59 -15.06
N ASN C 140 1.08 -22.61 -15.88
CA ASN C 140 -0.31 -22.50 -16.33
C ASN C 140 -0.47 -23.37 -17.58
N VAL C 141 -0.50 -24.68 -17.35
CA VAL C 141 -0.59 -25.66 -18.42
C VAL C 141 -1.40 -26.83 -17.93
N THR C 142 -1.93 -27.60 -18.88
CA THR C 142 -2.52 -28.91 -18.61
C THR C 142 -2.08 -29.88 -19.68
N VAL C 143 -1.79 -31.10 -19.29
CA VAL C 143 -1.14 -32.07 -20.18
C VAL C 143 -1.82 -33.43 -20.01
N ARG C 144 -1.82 -34.21 -21.09
CA ARG C 144 -2.32 -35.57 -21.02
C ARG C 144 -1.17 -36.44 -20.54
N ALA C 145 -1.26 -36.89 -19.30
CA ALA C 145 -0.26 -37.75 -18.70
C ALA C 145 -0.85 -39.11 -18.42
N ASN C 146 0.01 -40.12 -18.39
CA ASN C 146 -0.41 -41.40 -17.82
C ASN C 146 -0.74 -41.23 -16.34
N ILE C 147 -1.68 -42.04 -15.85
CA ILE C 147 -2.02 -42.06 -14.44
C ILE C 147 -2.31 -43.50 -14.07
N ALA C 148 -1.73 -43.96 -12.98
CA ALA C 148 -2.03 -45.27 -12.43
C ALA C 148 -3.05 -45.08 -11.33
N ALA C 149 -4.23 -45.68 -11.51
CA ALA C 149 -5.27 -45.62 -10.48
C ALA C 149 -5.00 -46.75 -9.51
N ILE C 150 -4.59 -46.39 -8.29
CA ILE C 150 -4.17 -47.41 -7.32
C ILE C 150 -5.41 -48.08 -6.72
N THR C 151 -5.52 -49.38 -6.92
CA THR C 151 -6.66 -50.15 -6.42
C THR C 151 -6.33 -50.99 -5.19
N GLU C 152 -5.12 -51.56 -5.13
CA GLU C 152 -4.61 -52.23 -3.94
C GLU C 152 -3.25 -51.66 -3.60
N SER C 153 -2.92 -51.66 -2.32
CA SER C 153 -1.64 -51.15 -1.86
C SER C 153 -1.35 -51.70 -0.47
N ASP C 154 -0.07 -51.80 -0.15
CA ASP C 154 0.36 -52.29 1.16
C ASP C 154 1.50 -51.42 1.65
N LYS C 155 1.35 -50.89 2.87
CA LYS C 155 2.39 -50.08 3.51
C LYS C 155 2.86 -48.95 2.61
N PHE C 156 1.97 -48.46 1.72
CA PHE C 156 2.32 -47.37 0.83
C PHE C 156 1.85 -46.02 1.37
N PHE C 157 0.57 -45.92 1.70
CA PHE C 157 0.03 -44.71 2.29
C PHE C 157 0.38 -44.65 3.77
N ILE C 158 0.46 -43.43 4.31
CA ILE C 158 0.70 -43.26 5.73
C ILE C 158 -0.52 -42.60 6.36
N ASN C 159 -0.80 -42.97 7.61
CA ASN C 159 -1.91 -42.42 8.35
C ASN C 159 -1.77 -40.90 8.50
N GLY C 160 -2.75 -40.15 8.00
CA GLY C 160 -2.71 -38.71 8.11
C GLY C 160 -1.52 -38.07 7.42
N SER C 161 -0.96 -38.72 6.40
CA SER C 161 0.08 -38.11 5.58
C SER C 161 -0.44 -36.87 4.88
N ASN C 162 -1.75 -36.85 4.60
CA ASN C 162 -2.42 -35.79 3.88
C ASN C 162 -2.07 -35.80 2.41
N TRP C 163 -1.31 -36.79 1.93
CA TRP C 163 -1.14 -36.98 0.49
C TRP C 163 -1.75 -38.31 0.04
N GLU C 164 -2.20 -38.32 -1.21
CA GLU C 164 -3.04 -39.39 -1.73
C GLU C 164 -2.52 -39.95 -3.05
N GLY C 165 -1.35 -39.51 -3.49
CA GLY C 165 -0.82 -39.98 -4.76
C GLY C 165 0.68 -39.76 -4.76
N ILE C 166 1.31 -40.07 -5.89
CA ILE C 166 2.76 -39.99 -6.01
C ILE C 166 3.13 -39.59 -7.42
N LEU C 167 4.05 -38.64 -7.54
CA LEU C 167 4.55 -38.13 -8.81
C LEU C 167 6.02 -38.51 -8.91
N GLY C 168 6.32 -39.57 -9.65
CA GLY C 168 7.70 -39.95 -9.84
C GLY C 168 8.38 -39.05 -10.85
N LEU C 169 9.45 -38.37 -10.44
CA LEU C 169 10.13 -37.43 -11.33
C LEU C 169 11.38 -37.99 -11.97
N ALA C 170 11.76 -39.23 -11.64
CA ALA C 170 12.91 -39.87 -12.29
C ALA C 170 12.54 -40.23 -13.73
N TYR C 171 13.46 -40.92 -14.42
CA TYR C 171 13.39 -41.12 -15.85
C TYR C 171 12.70 -42.44 -16.19
N ALA C 172 12.26 -42.53 -17.46
CA ALA C 172 11.44 -43.66 -17.89
C ALA C 172 12.11 -45.00 -17.63
N GLU C 173 13.44 -45.06 -17.71
CA GLU C 173 14.13 -46.34 -17.60
C GLU C 173 13.70 -47.15 -16.39
N ILE C 174 13.25 -46.48 -15.32
CA ILE C 174 12.81 -47.18 -14.11
C ILE C 174 11.30 -47.13 -13.95
N ALA C 175 10.58 -46.70 -14.98
CA ALA C 175 9.12 -46.65 -14.91
C ALA C 175 8.51 -48.06 -15.05
N ARG C 176 7.37 -48.25 -14.39
CA ARG C 176 6.63 -49.51 -14.48
C ARG C 176 5.42 -49.35 -15.39
N PRO C 177 5.11 -50.38 -16.19
CA PRO C 177 5.77 -51.68 -16.24
C PRO C 177 7.07 -51.66 -17.05
N ASP C 178 7.23 -50.70 -17.95
CA ASP C 178 8.43 -50.61 -18.77
C ASP C 178 8.61 -49.15 -19.18
N ASP C 179 9.78 -48.85 -19.74
CA ASP C 179 10.08 -47.47 -20.11
C ASP C 179 9.19 -46.94 -21.23
N SER C 180 8.22 -47.73 -21.68
CA SER C 180 7.26 -47.22 -22.64
C SER C 180 6.26 -46.30 -21.99
N LEU C 181 6.15 -46.34 -20.66
CA LEU C 181 5.21 -45.52 -19.92
C LEU C 181 5.84 -44.15 -19.66
N GLU C 182 5.47 -43.17 -20.48
CA GLU C 182 6.07 -41.86 -20.36
C GLU C 182 5.84 -41.31 -18.96
N PRO C 183 6.91 -40.96 -18.23
CA PRO C 183 6.72 -40.34 -16.92
C PRO C 183 6.13 -38.94 -17.04
N PHE C 184 5.51 -38.47 -15.96
CA PHE C 184 4.78 -37.22 -16.03
C PHE C 184 5.63 -36.08 -16.59
N PHE C 185 6.81 -35.85 -16.00
CA PHE C 185 7.57 -34.65 -16.37
C PHE C 185 7.99 -34.68 -17.83
N ASP C 186 8.25 -35.86 -18.39
CA ASP C 186 8.51 -35.95 -19.82
C ASP C 186 7.28 -35.52 -20.62
N SER C 187 6.10 -35.97 -20.21
CA SER C 187 4.87 -35.48 -20.84
C SER C 187 4.81 -33.96 -20.80
N LEU C 188 5.13 -33.37 -19.65
CA LEU C 188 4.97 -31.91 -19.52
C LEU C 188 5.88 -31.17 -20.48
N VAL C 189 7.16 -31.55 -20.53
CA VAL C 189 8.09 -30.90 -21.43
C VAL C 189 7.67 -31.12 -22.88
N LYS C 190 7.17 -32.31 -23.18
CA LYS C 190 6.85 -32.68 -24.57
C LYS C 190 5.70 -31.83 -25.12
N GLN C 191 4.65 -31.65 -24.32
CA GLN C 191 3.44 -31.00 -24.78
C GLN C 191 3.45 -29.49 -24.59
N THR C 192 4.17 -28.97 -23.61
CA THR C 192 4.24 -27.53 -23.40
C THR C 192 5.66 -27.02 -23.70
N HIS C 193 5.89 -25.76 -23.37
CA HIS C 193 7.21 -25.14 -23.54
C HIS C 193 7.98 -25.03 -22.23
N VAL C 194 7.50 -25.67 -21.16
CA VAL C 194 8.20 -25.63 -19.88
C VAL C 194 9.63 -26.14 -20.07
N PRO C 195 10.65 -25.38 -19.68
CA PRO C 195 12.02 -25.86 -19.82
C PRO C 195 12.27 -27.14 -19.02
N ASN C 196 13.05 -28.04 -19.61
CA ASN C 196 13.25 -29.39 -19.07
C ASN C 196 14.20 -29.36 -17.87
N LEU C 197 13.68 -28.83 -16.75
CA LEU C 197 14.33 -28.93 -15.46
C LEU C 197 13.34 -28.49 -14.39
N PHE C 198 13.62 -28.88 -13.15
CA PHE C 198 12.87 -28.43 -11.99
C PHE C 198 13.82 -28.32 -10.80
N SER C 199 13.35 -27.63 -9.76
CA SER C 199 14.13 -27.40 -8.56
C SER C 199 13.32 -27.87 -7.37
N LEU C 200 14.03 -28.21 -6.29
CA LEU C 200 13.41 -28.59 -5.03
C LEU C 200 14.07 -27.83 -3.91
N GLN C 201 13.25 -27.12 -3.12
CA GLN C 201 13.65 -26.48 -1.88
C GLN C 201 12.77 -27.07 -0.80
N LEU C 202 13.29 -28.03 -0.05
CA LEU C 202 12.55 -28.68 1.01
C LEU C 202 12.98 -28.09 2.35
N CYS C 203 12.01 -27.61 3.13
CA CYS C 203 12.30 -26.90 4.37
C CYS C 203 11.98 -27.73 5.59
N GLY C 204 12.74 -27.48 6.66
CA GLY C 204 12.47 -28.10 7.95
C GLY C 204 11.41 -27.38 8.74
N SER C 217 3.04 -28.83 8.69
CA SER C 217 4.15 -28.34 9.51
C SER C 217 5.46 -28.19 8.71
N VAL C 218 5.47 -28.68 7.47
CA VAL C 218 6.62 -28.50 6.58
C VAL C 218 6.14 -27.90 5.27
N GLY C 219 7.06 -27.22 4.60
CA GLY C 219 6.80 -26.62 3.31
C GLY C 219 8.05 -26.65 2.46
N GLY C 220 7.93 -26.04 1.28
CA GLY C 220 9.02 -26.00 0.35
C GLY C 220 8.50 -25.53 -1.00
N SER C 221 9.40 -25.49 -1.97
CA SER C 221 9.05 -25.09 -3.31
C SER C 221 9.55 -26.15 -4.29
N MET C 222 8.67 -26.56 -5.18
CA MET C 222 9.06 -27.31 -6.37
C MET C 222 8.93 -26.34 -7.54
N ILE C 223 10.07 -25.81 -8.01
CA ILE C 223 10.05 -24.87 -9.12
C ILE C 223 10.11 -25.68 -10.42
N ILE C 224 9.03 -25.60 -11.19
CA ILE C 224 8.90 -26.40 -12.41
C ILE C 224 9.33 -25.55 -13.58
N GLY C 225 10.43 -25.95 -14.22
CA GLY C 225 10.87 -25.32 -15.44
C GLY C 225 11.86 -24.20 -15.23
N GLY C 226 12.53 -24.15 -14.10
CA GLY C 226 13.48 -23.11 -13.88
C GLY C 226 14.01 -23.11 -12.48
N ILE C 227 14.67 -22.00 -12.16
CA ILE C 227 15.44 -21.83 -10.94
C ILE C 227 15.02 -20.50 -10.32
N ASP C 228 14.60 -20.53 -9.05
CA ASP C 228 14.24 -19.30 -8.35
C ASP C 228 15.41 -18.87 -7.48
N HIS C 229 15.93 -17.68 -7.74
CA HIS C 229 17.14 -17.24 -7.08
C HIS C 229 16.91 -16.71 -5.67
N SER C 230 15.71 -16.24 -5.36
CA SER C 230 15.40 -15.90 -3.98
C SER C 230 15.47 -17.13 -3.08
N LEU C 231 15.29 -18.32 -3.65
CA LEU C 231 15.27 -19.57 -2.90
C LEU C 231 16.65 -20.06 -2.47
N TYR C 232 17.73 -19.40 -2.89
CA TYR C 232 19.03 -19.90 -2.47
C TYR C 232 20.05 -18.77 -2.36
N THR C 233 21.10 -19.03 -1.59
CA THR C 233 22.21 -18.11 -1.37
C THR C 233 23.51 -18.76 -1.80
N GLY C 234 24.42 -17.96 -2.33
CA GLY C 234 25.67 -18.50 -2.81
C GLY C 234 25.56 -18.93 -4.25
N SER C 235 26.46 -19.83 -4.63
CA SER C 235 26.51 -20.32 -5.98
C SER C 235 25.97 -21.73 -6.06
N LEU C 236 25.48 -22.09 -7.25
CA LEU C 236 25.03 -23.44 -7.56
C LEU C 236 26.20 -24.26 -8.08
N TRP C 237 26.49 -25.37 -7.40
CA TRP C 237 27.50 -26.31 -7.87
C TRP C 237 26.80 -27.50 -8.50
N TYR C 238 27.28 -27.93 -9.66
CA TYR C 238 26.64 -29.00 -10.41
C TYR C 238 27.49 -30.26 -10.38
N THR C 239 26.82 -31.39 -10.22
CA THR C 239 27.41 -32.71 -10.30
C THR C 239 26.76 -33.45 -11.45
N PRO C 240 27.52 -34.19 -12.24
CA PRO C 240 26.92 -34.91 -13.36
C PRO C 240 25.88 -35.92 -12.90
N ILE C 241 24.79 -36.03 -13.66
CA ILE C 241 23.90 -37.17 -13.54
C ILE C 241 24.57 -38.35 -14.24
N ARG C 242 24.96 -39.36 -13.48
CA ARG C 242 25.68 -40.48 -14.08
C ARG C 242 24.88 -41.13 -15.19
N ARG C 243 23.59 -41.33 -14.96
CA ARG C 243 22.78 -42.08 -15.91
C ARG C 243 21.32 -41.78 -15.66
N GLU C 244 20.58 -41.58 -16.75
CA GLU C 244 19.19 -41.15 -16.68
C GLU C 244 18.29 -42.35 -16.42
N TRP C 245 18.30 -42.81 -15.17
CA TRP C 245 17.24 -43.69 -14.70
C TRP C 245 16.72 -43.14 -13.38
N TYR C 246 17.30 -43.56 -12.26
CA TYR C 246 17.31 -42.75 -11.05
C TYR C 246 18.06 -41.45 -11.30
N TYR C 247 18.01 -40.54 -10.34
CA TYR C 247 18.87 -39.36 -10.39
C TYR C 247 20.16 -39.77 -9.72
N GLU C 248 21.04 -40.41 -10.48
CA GLU C 248 22.22 -41.07 -9.93
C GLU C 248 23.41 -40.13 -9.98
N VAL C 249 24.15 -40.07 -8.88
CA VAL C 249 25.31 -39.21 -8.76
C VAL C 249 26.44 -40.03 -8.16
N ILE C 250 27.64 -39.45 -8.16
CA ILE C 250 28.84 -40.11 -7.67
C ILE C 250 29.33 -39.36 -6.45
N ILE C 251 29.46 -40.06 -5.33
CA ILE C 251 30.12 -39.51 -4.15
C ILE C 251 31.59 -39.90 -4.22
N VAL C 252 32.46 -38.90 -4.18
CA VAL C 252 33.89 -39.13 -4.40
C VAL C 252 34.68 -39.11 -3.09
N ARG C 253 34.13 -38.57 -2.01
CA ARG C 253 34.81 -38.50 -0.74
C ARG C 253 33.77 -38.25 0.34
N VAL C 254 33.97 -38.86 1.50
CA VAL C 254 33.10 -38.62 2.65
C VAL C 254 34.00 -38.28 3.83
N GLU C 255 33.67 -37.21 4.53
CA GLU C 255 34.41 -36.79 5.72
C GLU C 255 33.44 -36.59 6.86
N ILE C 256 33.87 -36.97 8.06
CA ILE C 256 33.10 -36.73 9.28
C ILE C 256 33.97 -35.87 10.19
N ASN C 257 33.46 -34.69 10.54
CA ASN C 257 34.23 -33.67 11.26
C ASN C 257 35.59 -33.43 10.60
N GLY C 258 35.59 -33.35 9.27
CA GLY C 258 36.79 -33.04 8.54
C GLY C 258 37.79 -34.16 8.39
N GLN C 259 37.43 -35.38 8.77
CA GLN C 259 38.30 -36.54 8.56
C GLN C 259 37.68 -37.45 7.52
N ASP C 260 38.53 -37.95 6.62
CA ASP C 260 38.08 -38.85 5.58
C ASP C 260 37.77 -40.21 6.18
N LEU C 261 36.63 -40.79 5.78
CA LEU C 261 36.33 -42.16 6.19
C LEU C 261 37.37 -43.14 5.68
N LYS C 262 38.24 -42.70 4.77
CA LYS C 262 39.32 -43.54 4.24
C LYS C 262 38.77 -44.84 3.65
N MET C 263 37.66 -44.74 2.94
CA MET C 263 37.05 -45.89 2.31
C MET C 263 37.23 -45.80 0.81
N ASP C 264 37.17 -46.95 0.16
CA ASP C 264 37.27 -47.00 -1.29
C ASP C 264 36.18 -46.12 -1.89
N CYS C 265 36.57 -45.18 -2.77
CA CYS C 265 35.62 -44.31 -3.43
C CYS C 265 34.42 -45.15 -3.86
N LYS C 266 34.70 -46.34 -4.39
CA LYS C 266 33.66 -47.19 -4.96
C LYS C 266 32.64 -47.62 -3.92
N GLU C 267 33.04 -47.74 -2.66
CA GLU C 267 32.09 -48.23 -1.65
C GLU C 267 30.94 -47.26 -1.45
N TYR C 268 31.21 -45.95 -1.52
CA TYR C 268 30.17 -44.96 -1.26
C TYR C 268 29.03 -45.06 -2.27
N ASN C 269 29.33 -45.49 -3.48
CA ASN C 269 28.33 -45.63 -4.52
C ASN C 269 28.00 -47.09 -4.80
N TYR C 270 28.25 -47.97 -3.81
CA TYR C 270 28.02 -49.40 -3.98
C TYR C 270 26.60 -49.67 -4.43
N ASP C 271 26.46 -50.23 -5.63
CA ASP C 271 25.23 -50.31 -6.39
C ASP C 271 25.04 -48.99 -7.10
N LYS C 272 24.59 -47.99 -6.36
CA LYS C 272 24.41 -46.65 -6.89
C LYS C 272 24.31 -45.68 -5.73
N SER C 273 24.35 -44.40 -6.06
CA SER C 273 23.99 -43.32 -5.16
C SER C 273 22.95 -42.48 -5.88
N ILE C 274 21.81 -42.25 -5.25
CA ILE C 274 20.73 -41.49 -5.87
C ILE C 274 20.23 -40.42 -4.93
N VAL C 275 19.49 -39.47 -5.51
CA VAL C 275 18.89 -38.34 -4.81
C VAL C 275 17.39 -38.56 -4.82
N ASP C 276 16.79 -38.78 -3.64
CA ASP C 276 15.40 -39.22 -3.54
C ASP C 276 14.64 -38.30 -2.59
N SER C 277 13.92 -37.32 -3.15
CA SER C 277 13.05 -36.46 -2.35
C SER C 277 12.05 -37.27 -1.53
N GLY C 278 11.67 -38.45 -2.02
CA GLY C 278 10.70 -39.32 -1.40
C GLY C 278 11.22 -40.24 -0.32
N THR C 279 12.47 -40.10 0.09
CA THR C 279 13.02 -40.87 1.21
C THR C 279 13.40 -39.89 2.31
N THR C 280 13.05 -40.21 3.54
CA THR C 280 13.31 -39.29 4.64
C THR C 280 14.79 -39.26 4.99
N ASN C 281 15.38 -40.43 5.21
CA ASN C 281 16.68 -40.54 5.84
C ASN C 281 17.81 -40.44 4.83
N LEU C 282 19.02 -40.37 5.36
CA LEU C 282 20.23 -40.69 4.63
C LEU C 282 20.41 -42.21 4.68
N ARG C 283 20.59 -42.84 3.54
CA ARG C 283 20.75 -44.29 3.48
C ARG C 283 22.08 -44.61 2.82
N LEU C 284 22.89 -45.42 3.49
CA LEU C 284 24.25 -45.68 3.08
C LEU C 284 24.49 -47.18 2.89
N PRO C 285 25.37 -47.56 1.96
CA PRO C 285 25.75 -48.97 1.87
C PRO C 285 26.27 -49.46 3.22
N LYS C 286 25.96 -50.72 3.53
CA LYS C 286 26.24 -51.26 4.87
C LYS C 286 27.64 -50.92 5.35
N LYS C 287 28.66 -51.20 4.53
CA LYS C 287 30.03 -50.90 4.92
C LYS C 287 30.19 -49.43 5.29
N VAL C 288 29.66 -48.54 4.45
CA VAL C 288 29.75 -47.11 4.74
C VAL C 288 28.97 -46.79 6.01
N PHE C 289 27.80 -47.40 6.19
CA PHE C 289 26.96 -47.09 7.34
C PHE C 289 27.70 -47.38 8.64
N GLU C 290 28.36 -48.54 8.72
CA GLU C 290 29.08 -48.89 9.93
C GLU C 290 30.20 -47.90 10.20
N ALA C 291 30.95 -47.54 9.15
CA ALA C 291 32.03 -46.57 9.29
C ALA C 291 31.50 -45.25 9.81
N ALA C 292 30.40 -44.78 9.24
CA ALA C 292 29.82 -43.50 9.66
C ALA C 292 29.34 -43.56 11.10
N VAL C 293 28.48 -44.53 11.42
CA VAL C 293 27.98 -44.64 12.78
C VAL C 293 29.14 -44.78 13.76
N LYS C 294 30.12 -45.63 13.43
CA LYS C 294 31.29 -45.77 14.28
C LYS C 294 31.92 -44.41 14.56
N SER C 295 32.05 -43.59 13.51
CA SER C 295 32.63 -42.27 13.65
C SER C 295 31.71 -41.35 14.46
N ILE C 296 30.41 -41.37 14.15
CA ILE C 296 29.47 -40.51 14.85
C ILE C 296 29.35 -40.92 16.31
N LYS C 297 29.46 -42.23 16.59
CA LYS C 297 29.47 -42.68 17.97
C LYS C 297 30.69 -42.16 18.70
N ALA C 298 31.88 -42.43 18.17
CA ALA C 298 33.12 -41.95 18.80
C ALA C 298 33.05 -40.46 19.06
N ALA C 299 32.44 -39.71 18.15
CA ALA C 299 32.32 -38.26 18.33
C ALA C 299 31.49 -37.93 19.56
N SER C 300 30.36 -38.61 19.75
CA SER C 300 29.42 -38.32 20.82
C SER C 300 29.61 -39.24 22.02
N SER C 301 30.85 -39.68 22.27
CA SER C 301 31.09 -40.69 23.30
C SER C 301 30.60 -40.23 24.68
N THR C 302 30.62 -38.92 24.94
CA THR C 302 30.32 -38.40 26.26
C THR C 302 28.84 -38.48 26.63
N GLU C 303 27.99 -39.08 25.79
CA GLU C 303 26.59 -39.29 26.12
C GLU C 303 26.20 -40.72 25.77
N LYS C 304 25.27 -41.28 26.53
CA LYS C 304 24.85 -42.67 26.39
C LYS C 304 23.63 -42.75 25.49
N PHE C 305 23.61 -43.77 24.61
CA PHE C 305 22.55 -43.91 23.63
C PHE C 305 21.99 -45.33 23.62
N PRO C 306 20.66 -45.47 23.73
CA PRO C 306 20.02 -46.80 23.77
C PRO C 306 20.50 -47.80 22.73
N ASP C 307 21.20 -47.30 21.70
CA ASP C 307 21.74 -48.12 20.62
C ASP C 307 20.65 -48.74 19.75
N GLY C 308 19.46 -48.93 20.33
CA GLY C 308 18.28 -48.93 19.50
C GLY C 308 18.13 -47.61 18.80
N PHE C 309 18.81 -46.59 19.30
CA PHE C 309 18.82 -45.27 18.69
C PHE C 309 19.59 -45.27 17.37
N TRP C 310 20.74 -45.96 17.32
CA TRP C 310 21.54 -45.97 16.11
C TRP C 310 20.88 -46.75 14.98
N LEU C 311 19.84 -47.50 15.27
CA LEU C 311 19.06 -48.17 14.24
C LEU C 311 17.77 -47.46 13.90
N GLY C 312 17.54 -46.27 14.47
CA GLY C 312 16.30 -45.56 14.24
C GLY C 312 15.11 -46.16 14.91
N GLU C 313 15.30 -47.15 15.78
CA GLU C 313 14.20 -47.77 16.49
C GLU C 313 13.76 -46.93 17.69
N GLN C 314 14.71 -46.42 18.48
CA GLN C 314 14.41 -45.71 19.72
C GLN C 314 14.83 -44.25 19.61
N LEU C 315 14.12 -43.41 20.36
CA LEU C 315 14.41 -41.98 20.44
C LEU C 315 15.46 -41.69 21.50
N VAL C 316 16.02 -40.49 21.41
CA VAL C 316 16.91 -39.95 22.44
C VAL C 316 16.40 -38.55 22.76
N CYS C 317 16.31 -38.23 24.05
CA CYS C 317 15.66 -37.00 24.47
C CYS C 317 16.57 -36.20 25.39
N TRP C 318 16.42 -34.88 25.28
CA TRP C 318 17.11 -33.93 26.13
C TRP C 318 16.11 -32.88 26.57
N GLN C 319 16.29 -32.40 27.80
CA GLN C 319 15.59 -31.22 28.27
C GLN C 319 15.65 -30.13 27.20
N ALA C 320 14.47 -29.62 26.83
CA ALA C 320 14.37 -28.62 25.78
C ALA C 320 15.53 -27.63 25.84
N GLY C 321 16.03 -27.25 24.67
CA GLY C 321 17.13 -26.31 24.56
C GLY C 321 18.46 -26.80 25.10
N THR C 322 18.55 -28.06 25.51
CA THR C 322 19.73 -28.59 26.16
C THR C 322 20.51 -29.53 25.25
N THR C 323 20.07 -29.68 24.01
CA THR C 323 20.65 -30.69 23.11
C THR C 323 22.13 -30.41 22.87
N PRO C 324 23.00 -31.36 23.11
CA PRO C 324 24.45 -31.18 22.90
C PRO C 324 24.82 -31.26 21.42
N TRP C 325 24.28 -30.34 20.64
CA TRP C 325 24.54 -30.33 19.20
C TRP C 325 26.04 -30.43 18.93
N ASN C 326 26.85 -29.74 19.73
CA ASN C 326 28.28 -29.67 19.47
C ASN C 326 28.94 -31.04 19.47
N ILE C 327 28.42 -31.99 20.25
CA ILE C 327 29.08 -33.30 20.31
C ILE C 327 28.73 -34.18 19.13
N PHE C 328 27.87 -33.70 18.22
CA PHE C 328 27.68 -34.49 17.02
C PHE C 328 28.45 -33.90 15.85
N PRO C 329 29.11 -34.74 15.07
CA PRO C 329 29.97 -34.26 14.00
C PRO C 329 29.15 -33.78 12.81
N VAL C 330 29.85 -33.12 11.91
CA VAL C 330 29.29 -32.74 10.63
C VAL C 330 29.71 -33.79 9.61
N ILE C 331 28.85 -34.02 8.63
CA ILE C 331 29.12 -34.99 7.57
C ILE C 331 29.28 -34.23 6.26
N SER C 332 30.42 -34.41 5.62
CA SER C 332 30.72 -33.79 4.34
C SER C 332 30.63 -34.83 3.25
N LEU C 333 29.71 -34.63 2.31
CA LEU C 333 29.61 -35.45 1.12
C LEU C 333 30.18 -34.64 -0.03
N TYR C 334 31.26 -35.12 -0.62
CA TYR C 334 31.82 -34.53 -1.82
C TYR C 334 31.19 -35.19 -3.04
N LEU C 335 30.70 -34.36 -3.95
CA LEU C 335 30.08 -34.81 -5.18
C LEU C 335 30.99 -34.51 -6.37
N MET C 336 31.06 -35.46 -7.29
CA MET C 336 31.93 -35.34 -8.45
C MET C 336 31.59 -34.08 -9.25
N GLY C 337 32.59 -33.28 -9.53
CA GLY C 337 32.36 -32.13 -10.37
C GLY C 337 32.11 -32.54 -11.80
N GLU C 338 31.46 -31.66 -12.56
CA GLU C 338 31.43 -31.84 -14.00
C GLU C 338 32.85 -31.94 -14.55
N VAL C 339 33.76 -31.13 -14.01
CA VAL C 339 35.20 -31.37 -14.07
C VAL C 339 35.66 -31.72 -12.67
N THR C 340 36.54 -32.70 -12.57
CA THR C 340 36.91 -33.24 -11.26
C THR C 340 37.95 -32.41 -10.51
N ASN C 341 38.46 -31.33 -11.08
CA ASN C 341 39.09 -30.31 -10.25
C ASN C 341 38.10 -29.23 -9.84
N GLN C 342 36.80 -29.52 -9.95
CA GLN C 342 35.70 -28.65 -9.57
C GLN C 342 34.63 -29.40 -8.80
N SER C 343 35.01 -30.49 -8.13
CA SER C 343 34.10 -31.14 -7.21
C SER C 343 33.74 -30.18 -6.08
N PHE C 344 32.67 -30.53 -5.36
CA PHE C 344 32.20 -29.70 -4.26
C PHE C 344 31.72 -30.59 -3.13
N ARG C 345 31.61 -30.01 -1.94
CA ARG C 345 31.11 -30.74 -0.79
C ARG C 345 29.86 -30.04 -0.25
N ILE C 346 28.80 -30.82 -0.05
CA ILE C 346 27.64 -30.38 0.71
C ILE C 346 27.87 -30.86 2.13
N THR C 347 27.89 -29.92 3.06
CA THR C 347 28.08 -30.19 4.47
C THR C 347 26.72 -30.21 5.18
N ILE C 348 26.39 -31.34 5.80
CA ILE C 348 25.11 -31.50 6.50
C ILE C 348 25.39 -31.55 8.00
N LEU C 349 24.62 -30.75 8.76
CA LEU C 349 24.77 -30.57 10.20
C LEU C 349 23.96 -31.61 10.97
N PRO C 350 24.32 -31.84 12.23
CA PRO C 350 23.54 -32.78 13.05
C PRO C 350 22.07 -32.39 13.17
N GLN C 351 21.75 -31.10 13.09
CA GLN C 351 20.35 -30.67 13.09
C GLN C 351 19.56 -31.40 12.02
N GLN C 352 20.21 -31.86 10.95
CA GLN C 352 19.56 -32.52 9.84
C GLN C 352 19.43 -34.02 10.06
N TYR C 353 20.49 -34.70 10.46
CA TYR C 353 20.42 -36.15 10.58
C TYR C 353 19.94 -36.61 11.94
N LEU C 354 19.65 -35.67 12.86
CA LEU C 354 18.90 -35.96 14.07
C LEU C 354 17.51 -35.38 13.83
N ARG C 355 16.59 -36.24 13.39
CA ARG C 355 15.26 -35.78 13.03
C ARG C 355 14.41 -35.62 14.28
N PRO C 356 13.76 -34.47 14.48
CA PRO C 356 12.99 -34.26 15.71
C PRO C 356 11.66 -35.00 15.67
N VAL C 357 11.22 -35.47 16.84
CA VAL C 357 9.94 -36.14 16.99
C VAL C 357 9.21 -35.57 18.19
N GLU C 358 7.89 -35.52 18.10
CA GLU C 358 7.08 -35.09 19.23
C GLU C 358 7.03 -36.19 20.28
N ASP C 359 7.22 -35.80 21.54
CA ASP C 359 7.49 -36.77 22.58
C ASP C 359 6.24 -37.48 23.06
N VAL C 360 6.42 -38.75 23.43
CA VAL C 360 5.34 -39.53 24.02
C VAL C 360 5.08 -39.06 25.46
N ALA C 361 6.14 -38.90 26.24
CA ALA C 361 6.02 -38.35 27.58
C ALA C 361 5.67 -36.87 27.50
N THR C 362 4.74 -36.43 28.34
CA THR C 362 4.34 -35.02 28.35
C THR C 362 5.44 -34.23 29.08
N SER C 363 6.24 -33.52 28.29
CA SER C 363 7.29 -32.66 28.81
C SER C 363 7.66 -31.69 27.71
N GLN C 364 8.33 -30.60 28.10
CA GLN C 364 8.84 -29.67 27.11
C GLN C 364 10.12 -30.17 26.46
N ASP C 365 10.48 -31.42 26.70
CA ASP C 365 11.75 -31.99 26.24
C ASP C 365 11.82 -32.08 24.71
N ASP C 366 13.04 -32.09 24.21
CA ASP C 366 13.32 -32.27 22.79
C ASP C 366 13.78 -33.71 22.55
N CYS C 367 13.17 -34.38 21.58
CA CYS C 367 13.46 -35.78 21.29
C CYS C 367 13.80 -35.95 19.82
N TYR C 368 14.68 -36.91 19.53
CA TYR C 368 15.33 -36.99 18.23
C TYR C 368 15.45 -38.44 17.78
N LYS C 369 15.24 -38.65 16.48
CA LYS C 369 15.44 -39.95 15.83
C LYS C 369 16.64 -39.88 14.91
N PHE C 370 17.49 -40.90 14.97
CA PHE C 370 18.65 -40.98 14.08
C PHE C 370 18.19 -41.24 12.65
N ALA C 371 18.43 -40.27 11.76
CA ALA C 371 17.92 -40.33 10.40
C ALA C 371 18.95 -40.83 9.40
N ILE C 372 19.87 -41.69 9.85
CA ILE C 372 20.81 -42.35 8.95
C ILE C 372 20.54 -43.86 9.04
N SER C 373 20.18 -44.46 7.91
CA SER C 373 19.77 -45.84 7.85
C SER C 373 20.71 -46.64 6.97
N GLN C 374 20.74 -47.94 7.22
CA GLN C 374 21.51 -48.84 6.38
C GLN C 374 20.79 -49.06 5.07
N SER C 375 21.55 -49.07 3.97
CA SER C 375 21.01 -49.35 2.66
C SER C 375 21.59 -50.66 2.17
N SER C 376 20.78 -51.43 1.45
CA SER C 376 21.25 -52.60 0.73
C SER C 376 21.11 -52.42 -0.77
N THR C 377 20.78 -51.21 -1.21
CA THR C 377 20.63 -50.90 -2.62
C THR C 377 21.33 -49.59 -2.99
N GLY C 378 22.32 -49.18 -2.22
CA GLY C 378 23.08 -47.99 -2.53
C GLY C 378 22.72 -46.83 -1.62
N THR C 379 23.48 -45.76 -1.80
CA THR C 379 23.23 -44.54 -1.04
C THR C 379 21.96 -43.86 -1.52
N VAL C 380 21.12 -43.45 -0.57
CA VAL C 380 19.99 -42.59 -0.85
C VAL C 380 20.22 -41.27 -0.13
N MET C 381 20.20 -40.18 -0.89
CA MET C 381 20.25 -38.83 -0.33
C MET C 381 18.79 -38.38 -0.26
N GLY C 382 18.19 -38.54 0.92
CA GLY C 382 16.80 -38.25 1.14
C GLY C 382 16.57 -36.85 1.66
N ALA C 383 15.36 -36.60 2.16
CA ALA C 383 14.98 -35.27 2.60
C ALA C 383 15.97 -34.69 3.60
N VAL C 384 16.52 -35.50 4.49
CA VAL C 384 17.41 -34.95 5.51
C VAL C 384 18.67 -34.37 4.87
N ILE C 385 19.07 -34.88 3.70
CA ILE C 385 20.17 -34.24 2.98
C ILE C 385 19.65 -33.04 2.21
N MET C 386 18.51 -33.21 1.54
CA MET C 386 18.01 -32.17 0.63
C MET C 386 17.51 -30.93 1.36
N GLU C 387 17.09 -31.06 2.62
CA GLU C 387 16.42 -29.94 3.28
C GLU C 387 17.37 -28.77 3.55
N GLY C 388 18.63 -29.05 3.82
CA GLY C 388 19.55 -27.97 3.93
C GLY C 388 19.68 -27.09 2.68
N PHE C 389 19.32 -27.62 1.52
CA PHE C 389 19.84 -27.10 0.27
C PHE C 389 18.75 -26.91 -0.77
N TYR C 390 19.08 -26.09 -1.77
CA TYR C 390 18.25 -25.90 -2.95
C TYR C 390 18.83 -26.75 -4.07
N VAL C 391 18.07 -27.76 -4.47
CA VAL C 391 18.57 -28.82 -5.36
C VAL C 391 17.89 -28.66 -6.72
N VAL C 392 18.71 -28.46 -7.75
CA VAL C 392 18.24 -28.27 -9.11
C VAL C 392 18.39 -29.60 -9.85
N PHE C 393 17.34 -29.99 -10.56
CA PHE C 393 17.34 -31.20 -11.36
C PHE C 393 17.38 -30.78 -12.82
N ASP C 394 18.60 -30.55 -13.32
CA ASP C 394 18.83 -29.97 -14.64
C ASP C 394 18.89 -31.10 -15.67
N ARG C 395 17.71 -31.64 -15.96
CA ARG C 395 17.59 -32.71 -16.92
C ARG C 395 18.09 -32.28 -18.29
N ALA C 396 17.86 -31.01 -18.64
CA ALA C 396 18.33 -30.49 -19.92
C ALA C 396 19.84 -30.62 -20.05
N ARG C 397 20.58 -30.19 -19.04
CA ARG C 397 22.03 -30.29 -19.06
C ARG C 397 22.54 -31.51 -18.31
N LYS C 398 21.66 -32.46 -17.98
CA LYS C 398 22.04 -33.73 -17.38
C LYS C 398 22.98 -33.52 -16.19
N ARG C 399 22.52 -32.73 -15.22
CA ARG C 399 23.33 -32.41 -14.06
C ARG C 399 22.41 -32.00 -12.91
N ILE C 400 22.91 -32.13 -11.69
CA ILE C 400 22.18 -31.77 -10.48
C ILE C 400 22.98 -30.70 -9.75
N GLY C 401 22.31 -29.59 -9.43
CA GLY C 401 22.95 -28.47 -8.76
C GLY C 401 22.59 -28.45 -7.28
N PHE C 402 23.54 -28.00 -6.48
CA PHE C 402 23.37 -27.85 -5.03
C PHE C 402 23.74 -26.44 -4.62
N ALA C 403 22.84 -25.80 -3.88
CA ALA C 403 23.09 -24.49 -3.29
C ALA C 403 22.57 -24.53 -1.86
N VAL C 404 23.06 -23.60 -1.06
CA VAL C 404 22.53 -23.44 0.29
C VAL C 404 21.12 -22.86 0.21
N SER C 405 20.20 -23.43 0.98
CA SER C 405 18.82 -22.98 0.94
C SER C 405 18.61 -21.73 1.80
N ALA C 406 17.72 -20.85 1.33
CA ALA C 406 17.26 -19.75 2.18
C ALA C 406 16.58 -20.28 3.44
N CYS C 407 15.76 -21.35 3.29
CA CYS C 407 15.16 -22.01 4.43
C CYS C 407 16.10 -23.12 4.87
N HIS C 408 17.17 -22.70 5.54
CA HIS C 408 18.21 -23.62 5.98
C HIS C 408 18.36 -23.56 7.50
N VAL C 409 18.60 -24.74 8.10
CA VAL C 409 18.91 -24.79 9.52
C VAL C 409 20.13 -23.92 9.80
N HIS C 410 20.08 -23.17 10.89
CA HIS C 410 21.20 -22.33 11.31
C HIS C 410 21.62 -22.71 12.72
N ASP C 411 22.90 -23.05 12.86
CA ASP C 411 23.52 -23.34 14.13
C ASP C 411 24.37 -22.14 14.55
N GLU C 412 24.48 -21.94 15.87
CA GLU C 412 25.19 -20.77 16.38
C GLU C 412 26.62 -20.71 15.86
N PHE C 413 27.31 -21.84 15.81
CA PHE C 413 28.73 -21.86 15.49
C PHE C 413 29.08 -22.64 14.24
N ARG C 414 28.16 -23.41 13.67
CA ARG C 414 28.43 -24.17 12.47
C ARG C 414 27.33 -23.89 11.45
N THR C 415 27.68 -23.99 10.18
CA THR C 415 26.76 -23.63 9.12
C THR C 415 26.85 -24.66 8.02
N ALA C 416 25.71 -25.20 7.61
CA ALA C 416 25.69 -26.10 6.45
C ALA C 416 26.08 -25.34 5.20
N ALA C 417 26.85 -25.99 4.34
CA ALA C 417 27.47 -25.29 3.22
C ALA C 417 27.48 -26.14 1.97
N VAL C 418 27.61 -25.46 0.84
CA VAL C 418 28.06 -26.05 -0.41
C VAL C 418 29.36 -25.33 -0.75
N GLU C 419 30.47 -26.08 -0.78
CA GLU C 419 31.80 -25.51 -0.86
C GLU C 419 32.60 -26.16 -1.98
N GLY C 420 33.33 -25.32 -2.72
CA GLY C 420 34.24 -25.76 -3.76
C GLY C 420 35.16 -24.62 -4.19
N PRO C 421 36.07 -24.89 -5.13
CA PRO C 421 36.22 -26.16 -5.84
C PRO C 421 37.06 -27.16 -5.07
N PHE C 422 36.84 -28.44 -5.34
CA PHE C 422 37.66 -29.50 -4.82
C PHE C 422 38.12 -30.37 -5.99
N VAL C 423 39.34 -30.87 -5.90
CA VAL C 423 39.87 -31.86 -6.84
C VAL C 423 39.73 -33.21 -6.17
N THR C 424 39.17 -34.17 -6.90
CA THR C 424 38.80 -35.45 -6.32
C THR C 424 39.00 -36.52 -7.38
N LEU C 425 38.69 -37.75 -7.00
CA LEU C 425 38.60 -38.84 -7.95
C LEU C 425 37.41 -38.62 -8.89
N ASP C 426 37.35 -39.42 -9.93
CA ASP C 426 36.41 -39.26 -11.03
C ASP C 426 35.44 -40.44 -11.06
N MET C 427 34.69 -40.55 -12.16
CA MET C 427 33.64 -41.55 -12.22
C MET C 427 34.20 -42.96 -12.28
N GLU C 428 35.29 -43.15 -13.03
CA GLU C 428 35.81 -44.50 -13.20
C GLU C 428 36.40 -45.05 -11.90
N ASP C 429 36.96 -44.17 -11.07
CA ASP C 429 37.48 -44.61 -9.77
C ASP C 429 36.37 -44.95 -8.81
N CYS C 430 35.22 -44.30 -8.92
CA CYS C 430 34.22 -44.31 -7.87
C CYS C 430 32.90 -44.96 -8.27
N GLY C 431 32.45 -44.76 -9.50
CA GLY C 431 31.25 -45.43 -9.94
C GLY C 431 31.34 -46.93 -9.84
N TYR C 432 30.19 -47.56 -9.75
CA TYR C 432 30.08 -49.00 -9.68
C TYR C 432 29.56 -49.53 -11.01
N ASN C 433 30.11 -50.66 -11.46
CA ASN C 433 29.62 -51.28 -12.68
C ASN C 433 29.15 -52.69 -12.38
N41 GHJ D . 1.48 34.33 -0.04
C01 GHJ D . 0.43 36.18 0.51
O02 GHJ D . -0.83 35.66 1.24
C03 GHJ D . -1.94 35.79 0.22
C04 GHJ D . -1.37 36.30 -0.89
C05 GHJ D . 0.14 35.90 -0.72
C06 GHJ D . 0.31 34.55 -0.71
C07 GHJ D . -0.22 33.64 -1.82
O40 GHJ D . 0.01 33.96 -2.92
O42 GHJ D . 1.62 35.40 0.76
N08 GHJ D . -1.00 32.41 -1.49
C09 GHJ D . -1.47 31.58 -2.58
C10 GHJ D . -0.19 31.44 -3.44
S11 GHJ D . 0.11 30.00 -4.52
C12 GHJ D . 1.68 29.26 -4.01
C13 GHJ D . -2.07 30.23 -2.05
O39 GHJ D . -1.52 29.27 -2.42
C18 GHJ D . -3.24 30.83 2.39
C19 GHJ D . -3.46 33.33 2.27
C17 GHJ D . -3.10 32.06 1.45
C16 GHJ D . -3.93 32.02 0.10
N14 GHJ D . -3.26 29.87 -1.17
C15 GHJ D . -4.32 30.60 -0.39
C20 GHJ D . -5.69 30.58 -1.06
O21 GHJ D . -6.09 31.83 -1.46
C22 GHJ D . -5.75 29.61 -2.28
C23 GHJ D . -7.18 29.09 -2.46
C38 GHJ D . -7.47 28.84 -3.92
C24 GHJ D . -7.36 27.75 -1.72
O37 GHJ D . -6.46 26.97 -1.67
N25 GHJ D . -8.63 27.43 -1.06
C26 GHJ D . -8.77 26.18 -0.39
C27 GHJ D . -9.02 25.13 -1.49
O33 GHJ D . -9.82 25.38 -2.31
C34 GHJ D . -10.00 26.32 0.55
C35 GHJ D . -10.11 25.12 1.53
C36 GHJ D . -11.30 26.50 -0.22
C32 GHJ D . -4.89 22.37 -0.85
C30 GHJ D . -6.13 22.89 -1.66
C31 GHJ D . -6.58 21.83 -2.69
C29 GHJ D . -7.27 23.33 -0.76
N28 GHJ D . -8.34 23.85 -1.65
H011 GHJ D . 0.58 37.13 0.64
H031 GHJ D . -2.32 34.93 0.02
H032 GHJ D . -2.62 36.40 0.55
H042 GHJ D . -1.74 35.90 -1.69
H041 GHJ D . -1.46 37.28 -0.90
H051 GHJ D . 0.73 36.34 -1.35
H081 GHJ D . -1.17 32.19 -0.68
H091 GHJ D . -2.15 32.05 -3.09
H101 GHJ D . -0.16 32.23 -4.01
H102 GHJ D . 0.56 31.49 -2.84
H121 GHJ D . 1.63 28.98 -3.08
H122 GHJ D . 1.87 28.48 -4.56
H123 GHJ D . 2.39 29.91 -4.10
H181 GHJ D . -2.99 30.02 1.91
H182 GHJ D . -4.15 30.75 2.70
H183 GHJ D . -2.64 30.93 3.15
H191 GHJ D . -3.35 33.13 3.22
H192 GHJ D . -4.37 33.58 2.10
H193 GHJ D . -2.86 34.05 2.03
H171 GHJ D . -2.18 32.13 1.21
H161 GHJ D . -3.39 32.44 -0.59
H162 GHJ D . -4.74 32.52 0.22
H141 GHJ D . -3.33 29.02 -1.06
H151 GHJ D . -4.43 30.08 0.42
H201 GHJ D . -6.33 30.26 -0.40
H211 GHJ D . -6.76 32.07 -1.01
H221 GHJ D . -5.47 30.09 -3.08
H222 GHJ D . -5.16 28.86 -2.13
H231 GHJ D . -7.82 29.74 -2.12
H381 GHJ D . -8.20 28.22 -4.00
H382 GHJ D . -7.72 29.68 -4.34
H383 GHJ D . -6.68 28.48 -4.35
H251 GHJ D . -9.29 27.97 -1.08
H261 GHJ D . -7.97 25.98 0.11
H341 GHJ D . -9.87 27.11 1.10
H351 GHJ D . -10.14 24.29 1.02
H352 GHJ D . -10.91 25.20 2.07
H353 GHJ D . -9.33 25.10 2.10
H361 GHJ D . -11.22 27.28 -0.80
H362 GHJ D . -12.03 26.63 0.41
H363 GHJ D . -11.48 25.72 -0.76
H321 GHJ D . -4.78 22.90 -0.05
H322 GHJ D . -5.02 21.45 -0.61
H323 GHJ D . -4.09 22.45 -1.40
H301 GHJ D . -5.85 23.67 -2.16
H311 GHJ D . -7.03 21.11 -2.24
H312 GHJ D . -5.81 21.50 -3.17
H313 GHJ D . -7.19 22.25 -3.33
H291 GHJ D . -6.97 24.03 -0.16
H292 GHJ D . -7.61 22.57 -0.25
H281 GHJ D . -8.57 23.36 -2.32
C1 GOL E . -18.10 48.64 -30.30
O1 GOL E . -17.33 48.28 -31.44
C2 GOL E . -17.21 48.66 -29.06
O2 GOL E . -16.72 49.96 -28.82
C3 GOL E . -17.99 48.13 -27.86
O3 GOL E . -19.10 48.96 -27.53
C1 GOL F . 9.38 37.45 -2.60
O1 GOL F . 9.63 38.28 -3.72
C2 GOL F . 8.46 38.20 -1.65
O2 GOL F . 8.21 39.49 -2.19
C3 GOL F . 7.16 37.42 -1.49
O3 GOL F . 6.19 38.21 -0.85
C1 GOL G . -6.94 54.42 -2.62
O1 GOL G . -7.22 53.46 -1.61
C2 GOL G . -7.80 54.09 -3.82
O2 GOL G . -8.82 53.21 -3.38
C3 GOL G . -8.42 55.37 -4.39
O3 GOL G . -9.05 55.07 -5.61
C URE H . -16.49 57.13 -16.55
O URE H . -15.34 57.24 -16.24
N1 URE H . -17.53 57.30 -15.56
N2 URE H . -16.85 56.81 -17.93
C URE I . -6.96 18.12 -20.51
O URE I . -6.76 17.39 -19.59
N1 URE I . -8.33 18.42 -20.91
N2 URE I . -5.85 18.69 -21.25
C URE J . -11.45 56.33 12.00
O URE J . -11.97 55.87 12.98
N1 URE J . -12.25 56.84 10.90
N2 URE J . -9.99 56.39 11.92
N41 GHJ K . -6.91 -5.28 -3.24
C01 GHJ K . -6.62 -3.14 -2.83
O02 GHJ K . -5.38 -2.24 -3.04
C03 GHJ K . -4.27 -2.94 -2.30
C04 GHJ K . -4.82 -3.98 -1.65
C05 GHJ K . -6.38 -3.82 -1.73
C06 GHJ K . -7.02 -5.01 -1.91
C07 GHJ K . -7.14 -6.06 -0.78
O40 GHJ K . -8.07 -6.07 -0.04
O42 GHJ K . -6.72 -4.13 -3.88
N08 GHJ K . -6.05 -7.06 -0.63
C09 GHJ K . -6.11 -8.03 0.44
C10 GHJ K . -6.67 -9.34 -0.02
S11 GHJ K . -8.48 -9.17 -0.23
C12 GHJ K . -8.93 -10.44 -1.41
C13 GHJ K . -4.65 -8.20 0.85
O39 GHJ K . -4.12 -9.25 0.77
C18 GHJ K . -1.07 -6.93 -1.04
C19 GHJ K . -1.42 -4.41 -0.87
C17 GHJ K . -1.90 -5.79 -0.36
C16 GHJ K . -1.83 -5.84 1.20
N14 GHJ K . -3.91 -7.00 1.35
C15 GHJ K . -2.50 -7.12 1.71
C20 GHJ K . -2.31 -7.31 3.21
O21 GHJ K . -2.68 -6.16 3.89
C22 GHJ K . -3.17 -8.51 3.69
C23 GHJ K . -2.60 -9.03 5.02
C38 GHJ K . -3.70 -9.54 5.91
C24 GHJ K . -1.62 -10.18 4.73
O37 GHJ K . -1.86 -10.98 3.88
N25 GHJ K . -0.38 -10.29 5.54
C26 GHJ K . 0.51 -11.35 5.28
C27 GHJ K . -0.21 -12.67 5.60
O33 GHJ K . -1.20 -12.68 6.27
C34 GHJ K . 1.75 -11.41 6.21
C35 GHJ K . 3.04 -11.62 5.37
C36 GHJ K . 1.83 -10.24 7.20
C32 GHJ K . -1.12 -17.34 4.21
C30 GHJ K . -0.52 -15.89 4.02
C31 GHJ K . -1.41 -15.01 3.14
C29 GHJ K . -0.27 -15.23 5.36
N28 GHJ K . 0.37 -13.91 5.09
H011 GHJ K . -7.42 -2.62 -2.75
H031 GHJ K . -3.60 -3.26 -2.94
H032 GHJ K . -3.85 -2.32 -1.67
H042 GHJ K . -4.54 -4.80 -2.06
H041 GHJ K . -4.54 -3.96 -0.72
H051 GHJ K . -6.73 -3.35 -0.96
H081 GHJ K . -5.37 -7.03 -1.16
H091 GHJ K . -6.63 -7.67 1.18
H101 GHJ K . -6.27 -9.58 -0.87
H102 GHJ K . -6.48 -10.02 0.64
H121 GHJ K . -9.89 -10.42 -1.57
H122 GHJ K . -8.46 -10.29 -2.24
H123 GHJ K . -8.69 -11.32 -1.06
H181 GHJ K . -0.12 -6.81 -0.83
H182 GHJ K . -1.19 -6.89 -2.00
H183 GHJ K . -1.37 -7.78 -0.71
H191 GHJ K . -2.17 -3.79 -0.92
H192 GHJ K . -1.01 -4.49 -1.74
H193 GHJ K . -0.76 -4.05 -0.24
H171 GHJ K . -2.83 -5.89 -0.63
H161 GHJ K . -2.28 -5.07 1.57
H162 GHJ K . -0.90 -5.84 1.48
H141 GHJ K . -4.30 -6.23 1.39
H151 GHJ K . -2.12 -7.89 1.25
H201 GHJ K . -1.37 -7.50 3.39
H211 GHJ K . -2.18 -5.52 3.64
H221 GHJ K . -4.09 -8.22 3.83
H222 GHJ K . -3.15 -9.22 3.03
H231 GHJ K . -2.13 -8.32 5.48
H381 GHJ K . -4.18 -8.79 6.30
H382 GHJ K . -4.32 -10.07 5.38
H383 GHJ K . -3.33 -10.09 6.61
H251 GHJ K . -0.21 -9.72 6.16
H261 GHJ K . 0.79 -11.35 4.35
H341 GHJ K . 1.65 -12.21 6.74
H351 GHJ K . 3.17 -10.85 4.78
H352 GHJ K . 2.94 -12.42 4.83
H353 GHJ K . 3.80 -11.71 5.95
H361 GHJ K . 1.82 -9.41 6.71
H362 GHJ K . 2.65 -10.32 7.72
H363 GHJ K . 1.07 -10.29 7.80
H321 GHJ K . -0.72 -17.76 4.99
H322 GHJ K . -2.07 -17.27 4.34
H323 GHJ K . -0.93 -17.86 3.42
H301 GHJ K . 0.35 -15.99 3.57
H311 GHJ K . -1.66 -15.49 2.34
H312 GHJ K . -2.21 -14.76 3.63
H313 GHJ K . -0.93 -14.20 2.89
H291 GHJ K . 0.32 -15.77 5.90
H292 GHJ K . -1.11 -15.10 5.82
H281 GHJ K . 1.08 -13.87 4.61
C1 GOL L . -24.94 -4.87 25.40
O1 GOL L . -25.53 -4.35 24.23
C2 GOL L . -24.01 -6.02 25.07
O2 GOL L . -22.94 -5.57 24.28
C3 GOL L . -23.45 -6.60 26.36
O3 GOL L . -22.15 -7.09 26.08
C1 GOL M . -4.42 -2.59 33.77
O1 GOL M . -5.79 -2.55 34.13
C2 GOL M . -4.14 -1.70 32.55
O2 GOL M . -3.16 -2.27 31.70
C3 GOL M . -5.43 -1.45 31.74
O3 GOL M . -6.18 -0.41 32.32
C1 GOL N . -5.28 6.87 30.52
O1 GOL N . -3.98 7.42 30.38
C2 GOL N . -6.15 7.32 29.36
O2 GOL N . -6.63 8.63 29.62
C3 GOL N . -5.32 7.31 28.07
O3 GOL N . -6.07 7.81 26.98
C URE O . 18.60 -1.63 10.41
O URE O . 19.30 -0.69 10.28
N1 URE O . 18.27 -2.46 9.26
N2 URE O . 18.07 -1.98 11.73
N41 GHJ P . 8.41 -43.44 4.71
C01 GHJ P . 7.55 -41.47 4.44
O02 GHJ P . 6.63 -40.64 3.50
C03 GHJ P . 7.36 -40.58 2.18
C04 GHJ P . 8.57 -41.14 2.39
C05 GHJ P . 8.76 -41.41 3.93
C06 GHJ P . 9.37 -42.63 4.15
C07 GHJ P . 10.49 -43.17 3.22
O40 GHJ P . 11.61 -42.82 3.39
O42 GHJ P . 7.24 -42.88 4.42
N08 GHJ P . 10.14 -44.10 2.11
C09 GHJ P . 11.16 -44.59 1.18
C10 GHJ P . 12.37 -45.22 1.86
S11 GHJ P . 12.06 -46.05 3.46
C12 GHJ P . 13.68 -46.29 4.21
C13 GHJ P . 10.60 -45.66 0.22
O39 GHJ P . 10.71 -46.77 0.59
C18 GHJ P . 7.13 -44.91 -0.74
C19 GHJ P . 6.69 -42.52 -1.43
C17 GHJ P . 7.62 -43.44 -0.62
C16 GHJ P . 9.11 -43.17 -1.01
N14 GHJ P . 9.96 -45.48 -1.14
C15 GHJ P . 9.67 -44.26 -1.93
C20 GHJ P . 10.81 -43.84 -2.86
O21 GHJ P . 11.32 -42.61 -2.54
C22 GHJ P . 11.97 -44.90 -2.83
C23 GHJ P . 12.60 -45.12 -4.20
C38 GHJ P . 14.09 -45.21 -4.02
C24 GHJ P . 12.14 -46.47 -4.79
O37 GHJ P . 12.10 -47.43 -4.09
N25 GHJ P . 11.75 -46.57 -6.21
C26 GHJ P . 11.38 -47.86 -6.71
C27 GHJ P . 12.71 -48.67 -6.68
O33 GHJ P . 13.73 -48.10 -6.83
C34 GHJ P . 10.88 -47.72 -8.17
C35 GHJ P . 12.01 -47.30 -9.16
C36 GHJ P . 9.78 -46.67 -8.21
C32 GHJ P . 13.54 -52.56 -5.57
C30 GHJ P . 12.03 -52.20 -5.44
C31 GHJ P . 11.68 -52.00 -3.96
C29 GHJ P . 11.64 -50.96 -6.24
N28 GHJ P . 12.82 -50.09 -6.45
H011 GHJ P . 7.55 -41.11 5.35
H031 GHJ P . 6.88 -41.09 1.51
H032 GHJ P . 7.46 -39.66 1.90
H042 GHJ P . 8.63 -41.97 1.89
H041 GHJ P . 9.25 -40.53 2.08
H051 GHJ P . 9.28 -40.71 4.34
H081 GHJ P . 9.32 -44.32 1.99
H091 GHJ P . 11.46 -43.84 0.64
H101 GHJ P . 12.76 -45.86 1.25
H102 GHJ P . 13.02 -44.51 2.01
H121 GHJ P . 13.58 -46.74 5.06
H122 GHJ P . 14.23 -46.84 3.62
H123 GHJ P . 14.12 -45.44 4.34
H181 GHJ P . 7.69 -45.49 -0.21
H182 GHJ P . 7.16 -45.19 -1.67
H183 GHJ P . 6.21 -44.98 -0.42
H191 GHJ P . 5.83 -42.97 -1.56
H192 GHJ P . 7.08 -42.33 -2.30
H193 GHJ P . 6.54 -41.70 -0.95
H171 GHJ P . 7.52 -43.18 0.31
H161 GHJ P . 9.65 -43.15 -0.20
H162 GHJ P . 9.18 -42.32 -1.45
H141 GHJ P . 9.72 -46.21 -1.51
H151 GHJ P . 8.93 -44.50 -2.52
H201 GHJ P . 10.46 -43.80 -3.77
H211 GHJ P . 11.53 -42.20 -3.26
H221 GHJ P . 11.61 -45.74 -2.51
H222 GHJ P . 12.64 -44.60 -2.21
H231 GHJ P . 12.38 -44.40 -4.80
H381 GHJ P . 14.48 -45.58 -4.83
H382 GHJ P . 14.29 -45.79 -3.27
H383 GHJ P . 14.45 -44.33 -3.87
H251 GHJ P . 11.79 -45.90 -6.74
H261 GHJ P . 10.71 -48.27 -6.15
H341 GHJ P . 10.52 -48.57 -8.47
H351 GHJ P . 12.42 -46.47 -8.85
H352 GHJ P . 11.64 -47.17 -10.04
H353 GHJ P . 12.69 -47.99 -9.20
H361 GHJ P . 9.08 -46.92 -7.59
H362 GHJ P . 9.43 -46.60 -9.11
H363 GHJ P . 10.14 -45.81 -7.94
H321 GHJ P . 14.06 -52.03 -4.94
H322 GHJ P . 13.66 -53.50 -5.38
H323 GHJ P . 13.85 -52.37 -6.48
H301 GHJ P . 11.51 -52.94 -5.78
H311 GHJ P . 12.03 -52.74 -3.44
H312 GHJ P . 12.06 -51.17 -3.64
H313 GHJ P . 10.71 -51.97 -3.86
H291 GHJ P . 10.96 -50.47 -5.75
H292 GHJ P . 11.28 -51.23 -7.10
H281 GHJ P . 13.60 -50.46 -6.45
C1 GOL Q . 10.73 -34.32 6.54
O1 GOL Q . 11.94 -34.93 6.94
C2 GOL Q . 10.09 -35.10 5.39
O2 GOL Q . 10.39 -36.49 5.48
C3 GOL Q . 8.57 -34.89 5.41
O3 GOL Q . 8.27 -33.52 5.50
C1 GOL R . 39.62 -39.89 -0.53
O1 GOL R . 39.61 -38.50 -0.73
C2 GOL R . 38.18 -40.39 -0.46
O2 GOL R . 37.53 -40.09 -1.68
C3 GOL R . 38.12 -41.90 -0.16
O3 GOL R . 38.82 -42.67 -1.12
C1 GOL S . -2.01 -50.67 3.80
O1 GOL S . -1.37 -51.23 4.94
C2 GOL S . -1.70 -49.17 3.64
O2 GOL S . -1.03 -48.65 4.78
C3 GOL S . -0.81 -48.97 2.42
O3 GOL S . -1.41 -48.04 1.53
S SO4 T . 27.23 -22.61 -16.45
O1 SO4 T . 27.40 -22.79 -17.90
O2 SO4 T . 27.54 -21.22 -16.09
O3 SO4 T . 28.13 -23.52 -15.73
O4 SO4 T . 25.84 -22.87 -16.07
#